data_3LQ1
#
_entry.id   3LQ1
#
_cell.length_a   99.695
_cell.length_b   99.695
_cell.length_c   259.982
_cell.angle_alpha   90.00
_cell.angle_beta   90.00
_cell.angle_gamma   90.00
#
_symmetry.space_group_name_H-M   'P 43 2 2'
#
loop_
_entity.id
_entity.type
_entity.pdbx_description
1 polymer '2-succinyl-5-enolpyruvyl-6-hydroxy-3-cyclohexene-1-carboxylate synthase'
2 water water
#
_entity_poly.entity_id   1
_entity_poly.type   'polypeptide(L)'
_entity_poly.pdbx_seq_one_letter_code
;MSLTNHEQVLTDYLAAFIEELVQAGVKEAIISPGSRSTPLALMMAEHPILKIYVDVDERSAGFFALGLAKASKRPVVLLC
TSGTAAANYFPAVAEANLSQIPLIVLTADRPHELRNVGAPQAMDQLHLYGSHVKDFTDMALPENSEEMLRYAKWHGSRAV
DIAMKTPRGPVHLNFPLREPLVPILEPSPFTATGKKHHHVHIYYTHEVLDDSSIQKMVTECTGKKGVFVVGPIDKKELEQ
PMVDLAKKLGWPILADPLSGLRSYGALDEVVIDQYDAFLKEAEIIDKLTPEVVIRFGSMPVSKPLKNWLEQLSDIRFYVV
DPGAAWKDPIKAVTDMIHCDERFLLDIMQQNMPDDAKDAAWLNGWTSYNKVAREIVLAEMANTTILEEGKIVAELRRLLP
DKAGLFIGNSMPIRDVDTYFSQIDKKIKMLANRGANGIDGVVSSALGASVVFQPMFLLIGDLSFYHDMNGLLMAKKYKMN
LTIVIVNNDGGGIFSFLPQANEPKYFESLFGTSTELDFRFAAAFYDADYHEAKSVDELEEAIDKASYHKGLDIIEVKTNR
HENKANHQALEGHHHHHH
;
_entity_poly.pdbx_strand_id   A,B
#
# COMPACT_ATOMS: atom_id res chain seq x y z
N THR A 4 -33.15 -20.76 2.35
CA THR A 4 -32.63 -22.06 2.88
C THR A 4 -32.46 -23.14 1.80
N ASN A 5 -33.12 -22.94 0.66
CA ASN A 5 -32.96 -23.81 -0.51
C ASN A 5 -31.81 -23.36 -1.41
N HIS A 6 -31.15 -24.32 -2.05
CA HIS A 6 -29.89 -24.12 -2.80
C HIS A 6 -29.82 -22.91 -3.74
N GLU A 7 -30.86 -22.72 -4.54
CA GLU A 7 -30.88 -21.65 -5.54
C GLU A 7 -31.13 -20.26 -4.93
N GLN A 8 -31.87 -20.22 -3.82
CA GLN A 8 -32.07 -18.99 -3.05
C GLN A 8 -30.78 -18.54 -2.37
N VAL A 9 -30.06 -19.53 -1.84
CA VAL A 9 -28.76 -19.33 -1.17
C VAL A 9 -27.80 -18.64 -2.11
N LEU A 10 -27.67 -19.20 -3.31
CA LEU A 10 -26.85 -18.65 -4.38
C LEU A 10 -27.25 -17.22 -4.78
N THR A 11 -28.55 -16.97 -4.79
CA THR A 11 -29.08 -15.66 -5.18
C THR A 11 -28.82 -14.60 -4.11
N ASP A 12 -29.07 -14.94 -2.85
CA ASP A 12 -28.86 -14.04 -1.71
C ASP A 12 -27.39 -13.63 -1.55
N TYR A 13 -26.51 -14.61 -1.72
CA TYR A 13 -25.07 -14.45 -1.57
C TYR A 13 -24.49 -13.48 -2.61
N LEU A 14 -24.81 -13.73 -3.89
CA LEU A 14 -24.28 -12.93 -4.98
C LEU A 14 -24.88 -11.53 -5.03
N ALA A 15 -26.19 -11.44 -4.72
CA ALA A 15 -26.89 -10.15 -4.70
C ALA A 15 -26.33 -9.19 -3.66
N ALA A 16 -25.96 -9.73 -2.51
CA ALA A 16 -25.32 -8.96 -1.45
C ALA A 16 -23.99 -8.38 -1.89
N PHE A 17 -23.21 -9.21 -2.61
CA PHE A 17 -21.91 -8.82 -3.15
C PHE A 17 -22.04 -7.78 -4.25
N ILE A 18 -22.86 -8.08 -5.26
CA ILE A 18 -23.05 -7.23 -6.44
C ILE A 18 -23.64 -5.86 -6.07
N GLU A 19 -24.60 -5.85 -5.15
CA GLU A 19 -25.21 -4.60 -4.66
C GLU A 19 -24.16 -3.66 -4.05
N GLU A 20 -23.24 -4.22 -3.27
CA GLU A 20 -22.17 -3.41 -2.66
C GLU A 20 -21.16 -2.84 -3.65
N LEU A 21 -20.87 -3.59 -4.71
CA LEU A 21 -20.01 -3.12 -5.78
C LEU A 21 -20.57 -1.85 -6.43
N VAL A 22 -21.87 -1.89 -6.76
CA VAL A 22 -22.55 -0.74 -7.36
C VAL A 22 -22.64 0.43 -6.38
N GLN A 23 -22.90 0.11 -5.12
CA GLN A 23 -23.00 1.11 -4.05
C GLN A 23 -21.64 1.76 -3.72
N ALA A 24 -20.55 1.08 -4.10
CA ALA A 24 -19.21 1.62 -3.88
C ALA A 24 -18.62 2.31 -5.11
N GLY A 25 -19.39 2.36 -6.19
CA GLY A 25 -19.01 3.16 -7.35
C GLY A 25 -18.81 2.46 -8.68
N VAL A 26 -19.01 1.14 -8.71
CA VAL A 26 -18.94 0.39 -9.97
C VAL A 26 -20.21 0.64 -10.77
N LYS A 27 -20.04 1.17 -11.98
CA LYS A 27 -21.16 1.45 -12.87
C LYS A 27 -21.15 0.51 -14.08
N GLU A 28 -19.97 -0.01 -14.42
CA GLU A 28 -19.81 -0.87 -15.60
C GLU A 28 -19.20 -2.24 -15.28
N ALA A 29 -19.70 -3.26 -15.96
CA ALA A 29 -19.16 -4.61 -15.87
C ALA A 29 -18.89 -5.15 -17.27
N ILE A 30 -17.74 -5.81 -17.43
CA ILE A 30 -17.32 -6.36 -18.72
C ILE A 30 -17.32 -7.88 -18.61
N ILE A 31 -18.35 -8.49 -19.19
CA ILE A 31 -18.65 -9.91 -19.00
C ILE A 31 -18.16 -10.76 -20.16
N SER A 32 -17.56 -11.91 -19.83
CA SER A 32 -17.28 -12.95 -20.80
C SER A 32 -18.10 -14.19 -20.46
N PRO A 33 -18.73 -14.83 -21.47
CA PRO A 33 -19.68 -15.91 -21.20
C PRO A 33 -19.01 -17.26 -20.88
N GLY A 34 -19.80 -18.16 -20.32
CA GLY A 34 -19.35 -19.50 -19.97
C GLY A 34 -20.31 -20.12 -18.98
N SER A 35 -20.10 -21.42 -18.70
CA SER A 35 -20.97 -22.19 -17.81
C SER A 35 -21.02 -21.63 -16.38
N ARG A 36 -19.83 -21.46 -15.78
CA ARG A 36 -19.72 -21.12 -14.36
C ARG A 36 -19.93 -19.63 -14.07
N SER A 37 -19.76 -18.79 -15.09
CA SER A 37 -19.94 -17.34 -14.93
C SER A 37 -21.39 -16.90 -15.06
N THR A 38 -22.22 -17.82 -15.56
CA THR A 38 -23.65 -17.56 -15.83
C THR A 38 -24.47 -16.94 -14.67
N PRO A 39 -24.39 -17.51 -13.43
CA PRO A 39 -25.23 -16.91 -12.38
C PRO A 39 -24.81 -15.50 -11.96
N LEU A 40 -23.52 -15.22 -12.02
CA LEU A 40 -23.00 -13.88 -11.73
C LEU A 40 -23.33 -12.90 -12.86
N ALA A 41 -23.35 -13.40 -14.10
CA ALA A 41 -23.65 -12.58 -15.26
C ALA A 41 -25.14 -12.22 -15.35
N LEU A 42 -25.99 -13.20 -15.05
CA LEU A 42 -27.44 -13.03 -15.08
C LEU A 42 -27.91 -12.03 -14.04
N MET A 43 -27.32 -12.11 -12.85
CA MET A 43 -27.74 -11.26 -11.75
C MET A 43 -27.19 -9.84 -11.84
N MET A 44 -26.04 -9.69 -12.49
CA MET A 44 -25.50 -8.36 -12.78
C MET A 44 -26.36 -7.67 -13.84
N ALA A 45 -26.88 -8.46 -14.79
CA ALA A 45 -27.77 -7.98 -15.83
C ALA A 45 -29.11 -7.49 -15.26
N GLU A 46 -29.55 -8.13 -14.19
CA GLU A 46 -30.78 -7.76 -13.50
C GLU A 46 -30.67 -6.48 -12.67
N HIS A 47 -29.45 -6.08 -12.33
CA HIS A 47 -29.22 -4.85 -11.56
C HIS A 47 -29.55 -3.61 -12.40
N PRO A 48 -30.47 -2.76 -11.90
CA PRO A 48 -31.01 -1.57 -12.57
C PRO A 48 -29.97 -0.54 -13.02
N ILE A 49 -29.01 -0.23 -12.15
CA ILE A 49 -28.04 0.83 -12.43
C ILE A 49 -26.85 0.31 -13.25
N LEU A 50 -26.47 -0.94 -13.01
CA LEU A 50 -25.26 -1.51 -13.58
C LEU A 50 -25.37 -1.79 -15.09
N LYS A 51 -24.51 -1.10 -15.85
CA LYS A 51 -24.42 -1.27 -17.30
C LYS A 51 -23.46 -2.42 -17.62
N ILE A 52 -23.74 -3.13 -18.72
CA ILE A 52 -22.98 -4.33 -19.07
C ILE A 52 -22.51 -4.37 -20.52
N TYR A 53 -21.26 -4.78 -20.70
CA TYR A 53 -20.65 -5.01 -22.01
C TYR A 53 -20.21 -6.46 -22.10
N VAL A 54 -20.57 -7.13 -23.18
CA VAL A 54 -20.19 -8.53 -23.36
C VAL A 54 -19.06 -8.65 -24.38
N ASP A 55 -17.92 -9.15 -23.91
CA ASP A 55 -16.78 -9.41 -24.77
C ASP A 55 -16.43 -10.90 -24.66
N VAL A 56 -16.58 -11.62 -25.76
CA VAL A 56 -16.39 -13.07 -25.79
C VAL A 56 -14.91 -13.47 -25.79
N ASP A 57 -14.04 -12.55 -26.18
CA ASP A 57 -12.61 -12.71 -25.99
C ASP A 57 -12.25 -12.08 -24.65
N GLU A 58 -11.76 -12.91 -23.73
CA GLU A 58 -11.40 -12.45 -22.39
C GLU A 58 -10.18 -11.53 -22.37
N ARG A 59 -9.24 -11.77 -23.30
CA ARG A 59 -8.08 -10.89 -23.44
C ARG A 59 -8.52 -9.48 -23.83
N SER A 60 -9.39 -9.43 -24.84
CA SER A 60 -9.99 -8.18 -25.30
C SER A 60 -10.85 -7.51 -24.23
N ALA A 61 -11.56 -8.32 -23.44
CA ALA A 61 -12.40 -7.82 -22.33
C ALA A 61 -11.56 -7.12 -21.27
N GLY A 62 -10.41 -7.70 -20.96
CA GLY A 62 -9.48 -7.16 -19.97
C GLY A 62 -8.96 -5.78 -20.35
N PHE A 63 -8.54 -5.65 -21.60
CA PHE A 63 -8.03 -4.37 -22.11
C PHE A 63 -9.14 -3.33 -22.33
N PHE A 64 -10.35 -3.80 -22.63
CA PHE A 64 -11.51 -2.92 -22.74
C PHE A 64 -11.82 -2.28 -21.39
N ALA A 65 -11.87 -3.11 -20.35
CA ALA A 65 -12.09 -2.67 -18.98
C ALA A 65 -10.99 -1.71 -18.54
N LEU A 66 -9.75 -2.08 -18.83
CA LEU A 66 -8.57 -1.25 -18.57
C LEU A 66 -8.75 0.16 -19.13
N GLY A 67 -9.04 0.25 -20.42
CA GLY A 67 -9.23 1.52 -21.12
C GLY A 67 -10.38 2.35 -20.58
N LEU A 68 -11.48 1.68 -20.26
CA LEU A 68 -12.65 2.33 -19.67
C LEU A 68 -12.37 2.88 -18.27
N ALA A 69 -11.60 2.13 -17.49
CA ALA A 69 -11.25 2.54 -16.12
C ALA A 69 -10.15 3.59 -16.08
N LYS A 70 -9.26 3.56 -17.07
CA LYS A 70 -8.20 4.53 -17.21
C LYS A 70 -8.77 5.91 -17.58
N ALA A 71 -9.77 5.89 -18.45
CA ALA A 71 -10.36 7.12 -18.96
C ALA A 71 -11.35 7.78 -17.99
N SER A 72 -12.05 6.97 -17.20
CA SER A 72 -13.12 7.48 -16.34
C SER A 72 -12.77 7.62 -14.87
N LYS A 73 -11.64 7.04 -14.45
CA LYS A 73 -11.22 6.92 -13.03
C LYS A 73 -12.28 6.19 -12.19
N ARG A 74 -13.05 5.32 -12.85
CA ARG A 74 -14.13 4.59 -12.23
C ARG A 74 -13.66 3.15 -12.05
N PRO A 75 -14.08 2.49 -10.96
CA PRO A 75 -13.74 1.07 -10.83
C PRO A 75 -14.60 0.22 -11.78
N VAL A 76 -13.96 -0.68 -12.53
CA VAL A 76 -14.65 -1.48 -13.54
C VAL A 76 -14.52 -2.98 -13.26
N VAL A 77 -15.65 -3.67 -13.27
CA VAL A 77 -15.71 -5.12 -13.04
C VAL A 77 -15.36 -5.92 -14.31
N LEU A 78 -14.56 -6.96 -14.13
CA LEU A 78 -14.41 -8.01 -15.13
C LEU A 78 -15.01 -9.30 -14.58
N LEU A 79 -15.64 -10.08 -15.46
CA LEU A 79 -16.21 -11.36 -15.07
C LEU A 79 -16.05 -12.42 -16.17
N CYS A 80 -15.44 -13.54 -15.83
CA CYS A 80 -15.25 -14.63 -16.77
C CYS A 80 -15.53 -15.97 -16.09
N THR A 81 -15.59 -17.03 -16.90
CA THR A 81 -15.84 -18.37 -16.38
C THR A 81 -14.54 -19.07 -15.96
N SER A 82 -14.68 -20.30 -15.45
CA SER A 82 -13.54 -21.08 -14.97
C SER A 82 -12.68 -21.64 -16.11
N GLY A 83 -11.41 -21.87 -15.81
CA GLY A 83 -10.46 -22.39 -16.80
C GLY A 83 -9.64 -21.29 -17.42
N THR A 84 -9.06 -21.57 -18.60
CA THR A 84 -8.14 -20.68 -19.31
C THR A 84 -8.66 -19.25 -19.55
N ALA A 85 -9.99 -19.06 -19.45
CA ALA A 85 -10.62 -17.75 -19.56
C ALA A 85 -10.03 -16.74 -18.58
N ALA A 86 -9.83 -17.17 -17.33
CA ALA A 86 -9.23 -16.35 -16.28
C ALA A 86 -7.78 -15.97 -16.59
N ALA A 87 -7.05 -16.87 -17.24
CA ALA A 87 -5.66 -16.66 -17.61
C ALA A 87 -5.48 -15.63 -18.73
N ASN A 88 -6.53 -15.41 -19.51
CA ASN A 88 -6.52 -14.42 -20.59
C ASN A 88 -6.58 -12.98 -20.07
N TYR A 89 -6.97 -12.81 -18.81
CA TYR A 89 -6.98 -11.51 -18.15
C TYR A 89 -5.58 -11.02 -17.76
N PHE A 90 -4.62 -11.93 -17.76
CA PHE A 90 -3.27 -11.67 -17.25
C PHE A 90 -2.50 -10.47 -17.87
N PRO A 91 -2.50 -10.33 -19.23
CA PRO A 91 -1.77 -9.17 -19.76
C PRO A 91 -2.33 -7.82 -19.30
N ALA A 92 -3.65 -7.71 -19.26
CA ALA A 92 -4.32 -6.47 -18.84
C ALA A 92 -4.21 -6.21 -17.34
N VAL A 93 -4.19 -7.28 -16.55
CA VAL A 93 -4.01 -7.18 -15.09
C VAL A 93 -2.60 -6.68 -14.77
N ALA A 94 -1.59 -7.22 -15.45
CA ALA A 94 -0.21 -6.78 -15.30
C ALA A 94 -0.03 -5.31 -15.70
N GLU A 95 -0.76 -4.90 -16.74
CA GLU A 95 -0.78 -3.52 -17.19
C GLU A 95 -1.48 -2.61 -16.17
N ALA A 96 -2.63 -3.04 -15.67
CA ALA A 96 -3.39 -2.32 -14.65
C ALA A 96 -2.60 -2.13 -13.36
N ASN A 97 -1.78 -3.11 -13.03
CA ASN A 97 -0.91 -3.07 -11.88
C ASN A 97 0.10 -1.92 -11.97
N LEU A 98 0.80 -1.85 -13.09
CA LEU A 98 1.85 -0.85 -13.29
C LEU A 98 1.32 0.54 -13.64
N SER A 99 0.16 0.61 -14.31
CA SER A 99 -0.43 1.89 -14.66
C SER A 99 -1.45 2.39 -13.64
N GLN A 100 -1.54 1.66 -12.52
CA GLN A 100 -2.40 2.01 -11.37
C GLN A 100 -3.89 2.20 -11.72
N ILE A 101 -4.45 1.17 -12.34
CA ILE A 101 -5.81 1.21 -12.87
C ILE A 101 -6.72 0.23 -12.10
N PRO A 102 -7.83 0.73 -11.52
CA PRO A 102 -8.70 -0.01 -10.60
C PRO A 102 -9.66 -1.03 -11.22
N LEU A 103 -9.14 -2.22 -11.54
CA LEU A 103 -9.97 -3.29 -12.09
C LEU A 103 -10.41 -4.27 -11.01
N ILE A 104 -11.70 -4.52 -10.93
CA ILE A 104 -12.24 -5.57 -10.06
C ILE A 104 -12.37 -6.84 -10.90
N VAL A 105 -11.37 -7.71 -10.85
CA VAL A 105 -11.42 -8.95 -11.63
C VAL A 105 -12.07 -10.11 -10.86
N LEU A 106 -13.23 -10.53 -11.33
CA LEU A 106 -14.00 -11.60 -10.71
C LEU A 106 -13.95 -12.84 -11.58
N THR A 107 -13.35 -13.91 -11.05
CA THR A 107 -13.25 -15.17 -11.79
C THR A 107 -14.12 -16.23 -11.15
N ALA A 108 -15.03 -16.78 -11.94
CA ALA A 108 -15.84 -17.92 -11.53
C ALA A 108 -14.95 -19.15 -11.48
N ASP A 109 -15.27 -20.07 -10.58
CA ASP A 109 -14.43 -21.24 -10.36
C ASP A 109 -15.30 -22.45 -10.02
N ARG A 110 -14.72 -23.64 -10.18
CA ARG A 110 -15.30 -24.88 -9.69
C ARG A 110 -15.37 -24.87 -8.17
N PRO A 111 -16.30 -25.65 -7.58
CA PRO A 111 -16.30 -25.76 -6.12
C PRO A 111 -15.16 -26.65 -5.65
N HIS A 112 -14.97 -26.73 -4.33
CA HIS A 112 -13.85 -27.42 -3.71
C HIS A 112 -13.74 -28.90 -4.11
N GLU A 113 -14.88 -29.56 -4.23
CA GLU A 113 -14.92 -30.96 -4.65
C GLU A 113 -14.55 -31.17 -6.12
N LEU A 114 -14.50 -30.09 -6.90
CA LEU A 114 -14.08 -30.17 -8.30
C LEU A 114 -12.75 -29.45 -8.58
N ARG A 115 -12.06 -29.00 -7.53
CA ARG A 115 -10.78 -28.32 -7.65
C ARG A 115 -9.61 -29.28 -7.65
N ASN A 116 -8.76 -29.16 -8.69
CA ASN A 116 -7.51 -29.95 -8.84
C ASN A 116 -7.74 -31.45 -8.74
N VAL A 117 -8.70 -31.91 -9.52
CA VAL A 117 -9.28 -33.22 -9.37
C VAL A 117 -9.44 -33.84 -10.76
N GLY A 118 -9.13 -33.06 -11.79
CA GLY A 118 -9.21 -33.52 -13.19
C GLY A 118 -10.55 -33.22 -13.85
N ALA A 119 -11.26 -32.22 -13.32
CA ALA A 119 -12.56 -31.81 -13.84
C ALA A 119 -12.38 -30.97 -15.11
N PRO A 120 -13.35 -31.03 -16.04
CA PRO A 120 -13.28 -30.20 -17.27
C PRO A 120 -13.49 -28.71 -16.96
N GLN A 121 -12.88 -27.85 -17.79
CA GLN A 121 -12.89 -26.38 -17.60
C GLN A 121 -12.47 -25.93 -16.18
N ALA A 122 -11.40 -26.52 -15.68
CA ALA A 122 -10.97 -26.30 -14.31
C ALA A 122 -9.46 -26.24 -14.19
N MET A 123 -8.97 -25.18 -13.56
CA MET A 123 -7.55 -25.03 -13.27
C MET A 123 -7.37 -24.39 -11.91
N ASP A 124 -6.15 -24.41 -11.39
CA ASP A 124 -5.84 -23.75 -10.13
C ASP A 124 -5.88 -22.23 -10.32
N GLN A 125 -6.82 -21.59 -9.63
CA GLN A 125 -7.04 -20.16 -9.77
C GLN A 125 -6.70 -19.39 -8.49
N LEU A 126 -6.11 -20.09 -7.51
CA LEU A 126 -5.63 -19.44 -6.29
C LEU A 126 -4.35 -18.67 -6.60
N HIS A 127 -4.35 -17.38 -6.25
CA HIS A 127 -3.28 -16.43 -6.58
C HIS A 127 -2.86 -16.49 -8.05
N LEU A 128 -3.86 -16.45 -8.93
CA LEU A 128 -3.70 -16.66 -10.36
C LEU A 128 -2.74 -15.67 -11.00
N TYR A 129 -2.82 -14.41 -10.56
CA TYR A 129 -2.06 -13.34 -11.16
C TYR A 129 -0.85 -12.96 -10.32
N GLY A 130 -0.66 -13.67 -9.21
CA GLY A 130 0.52 -13.54 -8.35
C GLY A 130 0.67 -12.19 -7.67
N SER A 131 1.81 -11.54 -7.91
CA SER A 131 2.11 -10.23 -7.31
C SER A 131 1.47 -9.08 -8.09
N HIS A 132 0.87 -9.40 -9.24
CA HIS A 132 0.34 -8.38 -10.15
C HIS A 132 -1.05 -7.87 -9.76
N VAL A 133 -1.55 -8.27 -8.60
CA VAL A 133 -2.77 -7.68 -8.04
C VAL A 133 -2.49 -7.14 -6.64
N LYS A 134 -3.30 -6.16 -6.22
CA LYS A 134 -3.20 -5.60 -4.88
C LYS A 134 -3.69 -6.59 -3.82
N ASP A 135 -4.70 -7.39 -4.17
CA ASP A 135 -5.33 -8.29 -3.22
C ASP A 135 -5.96 -9.49 -3.91
N PHE A 136 -5.84 -10.65 -3.26
CA PHE A 136 -6.52 -11.87 -3.68
C PHE A 136 -7.49 -12.36 -2.61
N THR A 137 -8.69 -12.74 -3.03
CA THR A 137 -9.66 -13.37 -2.15
C THR A 137 -10.25 -14.61 -2.81
N ASP A 138 -10.09 -15.76 -2.15
CA ASP A 138 -10.88 -16.94 -2.50
C ASP A 138 -12.13 -16.89 -1.64
N MET A 139 -13.23 -16.47 -2.25
CA MET A 139 -14.52 -16.35 -1.55
C MET A 139 -15.06 -17.69 -1.08
N ALA A 140 -15.90 -17.66 -0.05
CA ALA A 140 -16.58 -18.85 0.44
C ALA A 140 -17.57 -19.39 -0.59
N LEU A 141 -17.85 -20.69 -0.52
CA LEU A 141 -19.02 -21.27 -1.19
C LEU A 141 -20.27 -20.58 -0.65
N PRO A 142 -21.20 -20.20 -1.56
CA PRO A 142 -22.44 -19.49 -1.21
C PRO A 142 -23.16 -20.00 0.04
N GLU A 143 -23.38 -19.10 0.98
CA GLU A 143 -24.22 -19.34 2.16
C GLU A 143 -25.10 -18.10 2.36
N ASN A 144 -26.25 -18.27 3.02
CA ASN A 144 -27.18 -17.16 3.17
C ASN A 144 -27.55 -16.77 4.61
N SER A 145 -26.70 -17.17 5.56
CA SER A 145 -26.86 -16.78 6.97
C SER A 145 -26.55 -15.29 7.15
N GLU A 146 -26.89 -14.76 8.33
CA GLU A 146 -26.70 -13.35 8.64
C GLU A 146 -25.22 -12.94 8.60
N GLU A 147 -24.37 -13.80 9.13
CA GLU A 147 -22.91 -13.65 9.12
C GLU A 147 -22.35 -13.62 7.70
N MET A 148 -22.77 -14.58 6.89
CA MET A 148 -22.17 -14.82 5.58
C MET A 148 -22.68 -13.88 4.50
N LEU A 149 -23.87 -13.30 4.72
CA LEU A 149 -24.45 -12.33 3.80
C LEU A 149 -23.77 -10.98 3.97
N ARG A 150 -23.43 -10.65 5.22
CA ARG A 150 -22.69 -9.43 5.55
C ARG A 150 -21.25 -9.54 5.08
N TYR A 151 -20.70 -10.76 5.16
CA TYR A 151 -19.38 -11.13 4.63
C TYR A 151 -19.29 -10.87 3.14
N ALA A 152 -20.37 -11.22 2.42
CA ALA A 152 -20.48 -10.99 0.99
C ALA A 152 -20.56 -9.50 0.66
N LYS A 153 -21.28 -8.74 1.48
CA LYS A 153 -21.33 -7.29 1.35
C LYS A 153 -19.97 -6.67 1.65
N TRP A 154 -19.37 -7.11 2.75
CA TRP A 154 -18.08 -6.63 3.24
C TRP A 154 -16.97 -6.75 2.20
N HIS A 155 -16.93 -7.90 1.51
CA HIS A 155 -15.95 -8.13 0.47
C HIS A 155 -16.17 -7.31 -0.80
N GLY A 156 -17.42 -6.96 -1.06
CA GLY A 156 -17.78 -6.07 -2.17
C GLY A 156 -17.30 -4.64 -1.95
N SER A 157 -17.37 -4.20 -0.70
CA SER A 157 -16.95 -2.86 -0.30
C SER A 157 -15.42 -2.77 -0.23
N ARG A 158 -14.81 -3.82 0.29
CA ARG A 158 -13.36 -3.90 0.43
C ARG A 158 -12.64 -3.95 -0.92
N ALA A 159 -13.21 -4.74 -1.85
CA ALA A 159 -12.67 -4.88 -3.20
C ALA A 159 -12.50 -3.53 -3.88
N VAL A 160 -13.57 -2.76 -3.92
CA VAL A 160 -13.60 -1.46 -4.59
C VAL A 160 -12.74 -0.43 -3.87
N ASP A 161 -12.79 -0.45 -2.53
CA ASP A 161 -12.01 0.48 -1.72
C ASP A 161 -10.49 0.31 -1.91
N ILE A 162 -10.02 -0.94 -1.80
CA ILE A 162 -8.59 -1.26 -1.99
C ILE A 162 -8.13 -0.91 -3.39
N ALA A 163 -8.99 -1.17 -4.38
CA ALA A 163 -8.69 -0.89 -5.77
C ALA A 163 -8.59 0.61 -6.06
N MET A 164 -9.37 1.40 -5.33
CA MET A 164 -9.46 2.84 -5.53
C MET A 164 -8.57 3.66 -4.59
N LYS A 165 -8.07 3.03 -3.54
CA LYS A 165 -7.13 3.66 -2.62
C LYS A 165 -5.77 3.76 -3.29
N THR A 166 -5.17 4.95 -3.26
CA THR A 166 -3.89 5.17 -3.93
C THR A 166 -2.76 4.51 -3.13
N PRO A 167 -1.85 3.76 -3.80
CA PRO A 167 -1.75 3.48 -5.24
C PRO A 167 -2.85 2.56 -5.75
N ARG A 168 -3.58 3.02 -6.76
CA ARG A 168 -4.68 2.25 -7.33
C ARG A 168 -4.18 1.01 -8.07
N GLY A 169 -5.06 0.05 -8.31
CA GLY A 169 -4.67 -1.18 -8.97
C GLY A 169 -5.73 -2.27 -9.00
N PRO A 170 -5.41 -3.40 -9.64
CA PRO A 170 -6.33 -4.52 -9.80
C PRO A 170 -6.53 -5.32 -8.52
N VAL A 171 -7.74 -5.84 -8.36
CA VAL A 171 -8.12 -6.66 -7.21
C VAL A 171 -8.78 -7.93 -7.75
N HIS A 172 -8.31 -9.09 -7.29
CA HIS A 172 -8.81 -10.38 -7.80
C HIS A 172 -9.65 -11.16 -6.79
N LEU A 173 -10.89 -11.47 -7.17
CA LEU A 173 -11.76 -12.30 -6.34
C LEU A 173 -12.19 -13.56 -7.06
N ASN A 174 -11.93 -14.70 -6.43
CA ASN A 174 -12.25 -16.00 -7.00
C ASN A 174 -13.53 -16.56 -6.37
N PHE A 175 -14.47 -16.99 -7.22
CA PHE A 175 -15.77 -17.47 -6.75
C PHE A 175 -16.01 -18.94 -7.07
N PRO A 176 -15.87 -19.83 -6.06
CA PRO A 176 -16.29 -21.21 -6.26
C PRO A 176 -17.82 -21.30 -6.25
N LEU A 177 -18.37 -21.87 -7.32
CA LEU A 177 -19.82 -21.96 -7.46
C LEU A 177 -20.24 -23.39 -7.74
N ARG A 178 -21.15 -23.88 -6.89
CA ARG A 178 -21.62 -25.26 -6.96
C ARG A 178 -22.92 -25.34 -7.75
N GLU A 179 -23.02 -26.34 -8.61
CA GLU A 179 -24.22 -26.61 -9.42
C GLU A 179 -25.41 -27.09 -8.57
N PRO A 180 -26.66 -26.74 -8.96
CA PRO A 180 -27.11 -25.97 -10.14
C PRO A 180 -26.88 -24.46 -10.02
N LEU A 181 -26.57 -23.84 -11.16
CA LEU A 181 -26.24 -22.42 -11.20
C LEU A 181 -27.41 -21.62 -11.79
N VAL A 182 -28.61 -21.93 -11.31
CA VAL A 182 -29.82 -21.23 -11.74
C VAL A 182 -30.27 -20.30 -10.62
N PRO A 183 -30.10 -18.98 -10.81
CA PRO A 183 -30.52 -18.02 -9.80
C PRO A 183 -32.01 -17.67 -9.91
N ILE A 184 -32.56 -17.17 -8.81
CA ILE A 184 -33.97 -16.75 -8.78
C ILE A 184 -34.06 -15.25 -9.07
N LEU A 185 -34.28 -14.93 -10.34
CA LEU A 185 -34.34 -13.54 -10.82
C LEU A 185 -35.75 -12.95 -10.72
N GLU A 186 -36.75 -13.83 -10.57
CA GLU A 186 -38.14 -13.43 -10.38
C GLU A 186 -38.67 -13.94 -9.04
N PRO A 187 -38.94 -13.03 -8.07
CA PRO A 187 -38.85 -11.57 -8.15
C PRO A 187 -37.41 -11.06 -8.06
N SER A 188 -37.21 -9.79 -8.41
CA SER A 188 -35.89 -9.18 -8.47
C SER A 188 -35.22 -9.13 -7.09
N PRO A 189 -33.96 -9.60 -7.02
CA PRO A 189 -33.15 -9.56 -5.80
C PRO A 189 -32.75 -8.14 -5.38
N PHE A 190 -32.86 -7.19 -6.30
CA PHE A 190 -32.57 -5.79 -6.02
C PHE A 190 -33.84 -4.96 -6.14
N TYR A 203 -15.78 8.48 0.53
CA TYR A 203 -14.71 9.13 1.29
C TYR A 203 -13.42 9.19 0.49
N TYR A 204 -12.99 10.41 0.16
CA TYR A 204 -11.78 10.63 -0.61
C TYR A 204 -10.63 11.13 0.26
N THR A 205 -9.54 10.38 0.28
CA THR A 205 -8.35 10.74 1.03
C THR A 205 -7.16 11.00 0.11
N HIS A 206 -6.36 12.00 0.44
CA HIS A 206 -5.14 12.30 -0.30
C HIS A 206 -3.96 12.55 0.63
N GLU A 207 -2.76 12.30 0.13
CA GLU A 207 -1.52 12.49 0.88
C GLU A 207 -1.15 13.96 1.01
N VAL A 208 -0.74 14.35 2.22
CA VAL A 208 -0.43 15.76 2.53
C VAL A 208 0.93 15.86 3.24
N LEU A 209 1.75 16.81 2.79
CA LEU A 209 3.05 17.10 3.42
C LEU A 209 2.92 17.96 4.66
N ASP A 210 3.85 17.78 5.60
CA ASP A 210 3.88 18.55 6.84
C ASP A 210 4.40 19.96 6.60
N ASP A 211 4.08 20.85 7.54
CA ASP A 211 4.45 22.27 7.46
C ASP A 211 5.94 22.51 7.63
N SER A 212 6.59 21.62 8.38
CA SER A 212 8.04 21.62 8.52
C SER A 212 8.67 21.14 7.23
N SER A 213 8.03 20.13 6.63
CA SER A 213 8.55 19.45 5.44
C SER A 213 8.44 20.30 4.17
N ILE A 214 7.39 21.12 4.09
CA ILE A 214 7.23 22.04 2.95
C ILE A 214 8.21 23.21 3.01
N GLN A 215 8.59 23.62 4.22
CA GLN A 215 9.50 24.73 4.41
C GLN A 215 10.92 24.41 3.95
N LYS A 216 11.31 23.15 4.13
CA LYS A 216 12.61 22.67 3.67
C LYS A 216 12.72 22.71 2.15
N MET A 217 11.66 22.26 1.47
CA MET A 217 11.63 22.23 0.01
C MET A 217 11.56 23.62 -0.61
N VAL A 218 10.71 24.48 -0.04
CA VAL A 218 10.54 25.86 -0.50
C VAL A 218 11.85 26.66 -0.43
N THR A 219 12.56 26.54 0.68
CA THR A 219 13.85 27.23 0.89
C THR A 219 14.98 26.68 -0.01
N GLU A 220 14.97 25.37 -0.23
CA GLU A 220 16.02 24.71 -1.03
C GLU A 220 16.04 25.05 -2.51
N CYS A 221 14.88 25.37 -3.07
CA CYS A 221 14.80 25.78 -4.48
C CYS A 221 14.15 27.16 -4.65
N THR A 222 14.39 28.05 -3.70
CA THR A 222 13.77 29.38 -3.68
C THR A 222 14.34 30.36 -4.72
N GLY A 223 15.57 30.11 -5.16
CA GLY A 223 16.22 30.96 -6.14
C GLY A 223 17.19 30.15 -6.98
N LYS A 224 16.76 28.96 -7.36
CA LYS A 224 17.61 28.05 -8.11
C LYS A 224 17.08 27.81 -9.51
N LYS A 225 18.00 27.45 -10.41
CA LYS A 225 17.66 27.16 -11.81
C LYS A 225 17.04 25.76 -11.89
N GLY A 226 15.71 25.73 -11.92
CA GLY A 226 14.97 24.47 -11.88
C GLY A 226 14.22 24.10 -13.13
N VAL A 227 13.93 22.80 -13.25
CA VAL A 227 13.25 22.22 -14.41
C VAL A 227 12.09 21.35 -13.91
N PHE A 228 10.91 21.54 -14.51
CA PHE A 228 9.80 20.62 -14.31
C PHE A 228 9.78 19.54 -15.39
N VAL A 229 9.71 18.28 -14.96
CA VAL A 229 9.60 17.15 -15.87
C VAL A 229 8.27 16.42 -15.62
N VAL A 230 7.38 16.46 -16.60
CA VAL A 230 6.07 15.81 -16.46
C VAL A 230 5.93 14.72 -17.50
N GLY A 231 5.81 13.47 -17.04
CA GLY A 231 5.57 12.33 -17.92
C GLY A 231 4.08 12.05 -18.04
N PRO A 232 3.73 10.86 -18.53
CA PRO A 232 2.32 10.43 -18.55
C PRO A 232 1.73 10.52 -17.15
N ILE A 233 0.57 11.16 -17.03
CA ILE A 233 -0.03 11.35 -15.72
C ILE A 233 -1.53 11.04 -15.73
N ASP A 234 -2.01 10.48 -14.63
CA ASP A 234 -3.40 10.09 -14.47
C ASP A 234 -4.31 11.31 -14.26
N LYS A 235 -4.08 12.03 -13.17
CA LYS A 235 -4.98 13.08 -12.65
C LYS A 235 -5.50 14.10 -13.66
N LYS A 236 -6.79 14.40 -13.53
CA LYS A 236 -7.48 15.37 -14.38
C LYS A 236 -7.11 16.80 -13.98
N GLU A 237 -7.38 17.74 -14.89
CA GLU A 237 -7.21 19.21 -14.70
C GLU A 237 -5.97 19.68 -13.91
N LEU A 238 -4.85 19.02 -14.13
CA LEU A 238 -3.59 19.35 -13.47
C LEU A 238 -2.72 20.18 -14.40
N GLU A 239 -3.26 20.46 -15.59
CA GLU A 239 -2.57 21.18 -16.65
C GLU A 239 -2.28 22.63 -16.27
N GLN A 240 -3.35 23.38 -15.96
CA GLN A 240 -3.27 24.82 -15.68
C GLN A 240 -2.47 25.23 -14.43
N PRO A 241 -2.73 24.63 -13.24
CA PRO A 241 -1.96 25.07 -12.06
C PRO A 241 -0.45 24.77 -12.14
N MET A 242 -0.10 23.76 -12.94
CA MET A 242 1.29 23.44 -13.22
C MET A 242 1.96 24.53 -14.06
N VAL A 243 1.23 24.96 -15.10
CA VAL A 243 1.65 26.04 -16.00
C VAL A 243 1.86 27.34 -15.23
N ASP A 244 0.92 27.66 -14.33
CA ASP A 244 0.98 28.86 -13.49
C ASP A 244 2.22 28.93 -12.61
N LEU A 245 2.58 27.80 -12.00
CA LEU A 245 3.73 27.74 -11.09
C LEU A 245 5.06 27.92 -11.81
N ALA A 246 5.18 27.29 -12.98
CA ALA A 246 6.39 27.38 -13.81
C ALA A 246 6.56 28.80 -14.38
N LYS A 247 5.44 29.45 -14.62
CA LYS A 247 5.39 30.85 -15.07
C LYS A 247 5.81 31.77 -13.93
N LYS A 248 5.37 31.44 -12.71
CA LYS A 248 5.69 32.19 -11.50
C LYS A 248 7.17 32.08 -11.13
N LEU A 249 7.76 30.91 -11.41
CA LEU A 249 9.14 30.63 -11.04
C LEU A 249 10.13 30.94 -12.16
N GLY A 250 9.63 30.97 -13.40
CA GLY A 250 10.49 31.12 -14.57
C GLY A 250 11.23 29.84 -14.90
N TRP A 251 10.51 28.72 -14.77
CA TRP A 251 11.07 27.38 -14.97
C TRP A 251 10.43 26.73 -16.19
N PRO A 252 11.23 25.99 -16.98
CA PRO A 252 10.66 25.27 -18.12
C PRO A 252 9.91 24.00 -17.71
N ILE A 253 8.89 23.63 -18.48
CA ILE A 253 8.25 22.34 -18.32
C ILE A 253 8.59 21.47 -19.53
N LEU A 254 9.31 20.39 -19.29
CA LEU A 254 9.56 19.40 -20.33
C LEU A 254 8.39 18.44 -20.29
N ALA A 255 7.40 18.71 -21.13
CA ALA A 255 6.13 18.01 -21.09
C ALA A 255 6.11 16.86 -22.08
N ASP A 256 5.78 15.67 -21.57
CA ASP A 256 5.56 14.49 -22.39
C ASP A 256 4.27 14.69 -23.19
N PRO A 257 4.15 14.06 -24.38
CA PRO A 257 2.88 14.09 -25.10
C PRO A 257 1.69 13.58 -24.28
N LEU A 258 1.96 12.66 -23.35
CA LEU A 258 0.93 12.05 -22.53
C LEU A 258 0.67 12.78 -21.22
N SER A 259 1.36 13.91 -21.02
CA SER A 259 1.14 14.73 -19.85
C SER A 259 -0.13 15.57 -19.97
N GLY A 260 -0.52 15.85 -21.22
CA GLY A 260 -1.68 16.70 -21.50
C GLY A 260 -1.32 18.16 -21.70
N LEU A 261 -0.09 18.52 -21.33
CA LEU A 261 0.37 19.91 -21.37
C LEU A 261 0.71 20.36 -22.79
N ARG A 262 0.77 19.41 -23.70
CA ARG A 262 1.10 19.65 -25.10
C ARG A 262 -0.20 19.85 -25.90
N SER A 263 -1.33 19.74 -25.20
CA SER A 263 -2.65 19.81 -25.82
C SER A 263 -3.78 20.01 -24.78
N TYR A 264 -3.70 21.08 -23.99
CA TYR A 264 -4.72 21.38 -22.98
C TYR A 264 -5.66 22.53 -23.36
N GLY A 265 -5.55 23.00 -24.60
CA GLY A 265 -6.44 24.04 -25.12
C GLY A 265 -5.87 25.45 -25.11
N ALA A 266 -4.58 25.57 -24.80
CA ALA A 266 -3.93 26.88 -24.77
C ALA A 266 -2.46 26.80 -25.19
N LEU A 267 -2.00 27.85 -25.87
CA LEU A 267 -0.57 28.02 -26.15
C LEU A 267 0.12 28.65 -24.94
N ASP A 268 1.41 28.37 -24.79
CA ASP A 268 2.09 28.59 -23.52
C ASP A 268 3.55 29.01 -23.69
N GLU A 269 4.07 29.68 -22.67
CA GLU A 269 5.42 30.25 -22.72
C GLU A 269 6.43 29.51 -21.86
N VAL A 270 6.02 28.37 -21.29
CA VAL A 270 6.92 27.56 -20.46
C VAL A 270 7.06 26.10 -20.93
N VAL A 271 6.04 25.59 -21.62
CA VAL A 271 6.06 24.19 -22.09
C VAL A 271 7.07 23.99 -23.22
N ILE A 272 8.07 23.14 -22.95
CA ILE A 272 9.11 22.75 -23.92
C ILE A 272 8.74 21.39 -24.49
N ASP A 273 8.71 21.28 -25.83
CA ASP A 273 8.24 20.06 -26.50
C ASP A 273 9.21 19.44 -27.50
N GLN A 274 10.39 20.05 -27.66
CA GLN A 274 11.37 19.59 -28.64
C GLN A 274 12.61 18.99 -28.00
N TYR A 275 12.56 18.80 -26.68
CA TYR A 275 13.68 18.25 -25.90
C TYR A 275 14.24 16.91 -26.40
N ASP A 276 13.39 16.09 -27.00
CA ASP A 276 13.80 14.82 -27.59
C ASP A 276 14.82 15.03 -28.69
N ALA A 277 14.62 16.09 -29.47
CA ALA A 277 15.58 16.47 -30.51
C ALA A 277 16.85 17.07 -29.93
N PHE A 278 16.75 18.22 -29.26
CA PHE A 278 17.94 19.01 -28.93
C PHE A 278 18.84 18.51 -27.80
N LEU A 279 18.35 17.56 -27.00
CA LEU A 279 19.18 16.98 -25.93
C LEU A 279 20.04 15.81 -26.42
N LYS A 280 19.96 15.50 -27.71
CA LYS A 280 20.86 14.54 -28.34
C LYS A 280 22.25 15.14 -28.54
N GLU A 281 22.30 16.46 -28.65
CA GLU A 281 23.54 17.19 -28.93
C GLU A 281 24.29 17.50 -27.63
N ALA A 282 25.61 17.35 -27.66
CA ALA A 282 26.46 17.35 -26.47
C ALA A 282 26.65 18.70 -25.77
N GLU A 283 26.75 19.77 -26.56
CA GLU A 283 26.97 21.11 -26.00
C GLU A 283 25.69 21.70 -25.40
N ILE A 284 24.54 21.26 -25.91
CA ILE A 284 23.23 21.68 -25.42
C ILE A 284 22.94 21.00 -24.07
N ILE A 285 23.41 19.75 -23.93
CA ILE A 285 23.38 18.99 -22.68
C ILE A 285 24.09 19.77 -21.56
N ASP A 286 25.25 20.32 -21.88
CA ASP A 286 26.09 21.04 -20.92
C ASP A 286 25.54 22.41 -20.52
N LYS A 287 25.00 23.14 -21.50
CA LYS A 287 24.56 24.53 -21.27
C LYS A 287 23.23 24.65 -20.53
N LEU A 288 22.42 23.61 -20.58
CA LEU A 288 21.09 23.62 -19.97
C LEU A 288 21.04 22.96 -18.60
N THR A 289 22.23 22.76 -18.01
CA THR A 289 22.40 22.07 -16.73
C THR A 289 21.72 22.81 -15.56
N PRO A 290 20.69 22.17 -14.96
CA PRO A 290 19.95 22.80 -13.88
C PRO A 290 20.55 22.54 -12.50
N GLU A 291 19.95 23.15 -11.49
CA GLU A 291 20.35 22.91 -10.11
C GLU A 291 19.36 21.95 -9.44
N VAL A 292 18.08 22.12 -9.75
CA VAL A 292 17.04 21.19 -9.28
C VAL A 292 16.16 20.65 -10.42
N VAL A 293 15.60 19.47 -10.22
CA VAL A 293 14.64 18.86 -11.13
C VAL A 293 13.46 18.38 -10.30
N ILE A 294 12.24 18.68 -10.73
CA ILE A 294 11.04 18.11 -10.11
C ILE A 294 10.26 17.27 -11.12
N ARG A 295 10.18 15.96 -10.86
CA ARG A 295 9.41 15.05 -11.70
C ARG A 295 7.96 14.89 -11.26
N PHE A 296 7.06 14.82 -12.24
CA PHE A 296 5.66 14.49 -12.04
C PHE A 296 5.30 13.34 -12.96
N GLY A 297 4.46 12.43 -12.47
CA GLY A 297 3.98 11.30 -13.26
C GLY A 297 5.05 10.24 -13.53
N SER A 298 4.78 9.40 -14.52
CA SER A 298 5.72 8.33 -14.92
C SER A 298 6.93 8.92 -15.64
N MET A 299 7.89 8.05 -15.99
CA MET A 299 9.01 8.49 -16.80
C MET A 299 8.56 8.79 -18.22
N PRO A 300 9.02 9.92 -18.78
CA PRO A 300 8.76 10.29 -20.17
C PRO A 300 9.35 9.27 -21.15
N VAL A 301 8.76 9.19 -22.33
CA VAL A 301 9.14 8.19 -23.33
C VAL A 301 10.51 8.48 -23.97
N SER A 302 10.96 9.74 -23.85
CA SER A 302 12.18 10.20 -24.50
C SER A 302 13.45 9.60 -23.90
N LYS A 303 14.12 8.76 -24.67
CA LYS A 303 15.43 8.20 -24.31
C LYS A 303 16.56 9.25 -24.19
N PRO A 304 16.62 10.27 -25.08
CA PRO A 304 17.63 11.31 -24.88
C PRO A 304 17.40 12.17 -23.63
N LEU A 305 16.15 12.34 -23.21
CA LEU A 305 15.83 13.01 -21.94
C LEU A 305 16.23 12.13 -20.76
N LYS A 306 15.89 10.84 -20.86
CA LYS A 306 16.27 9.82 -19.90
C LYS A 306 17.79 9.80 -19.68
N ASN A 307 18.54 9.79 -20.78
CA ASN A 307 20.01 9.81 -20.74
C ASN A 307 20.58 11.12 -20.21
N TRP A 308 19.87 12.21 -20.47
CA TRP A 308 20.28 13.53 -19.98
C TRP A 308 20.11 13.63 -18.46
N LEU A 309 18.94 13.21 -17.97
CA LEU A 309 18.65 13.19 -16.54
C LEU A 309 19.53 12.21 -15.76
N GLU A 310 19.93 11.12 -16.42
CA GLU A 310 20.89 10.16 -15.87
C GLU A 310 22.28 10.76 -15.71
N GLN A 311 22.71 11.50 -16.73
CA GLN A 311 24.07 12.06 -16.82
C GLN A 311 24.34 13.13 -15.76
N LEU A 312 23.34 13.97 -15.48
CA LEU A 312 23.52 15.08 -14.55
C LEU A 312 23.63 14.63 -13.09
N SER A 313 24.66 15.14 -12.43
CA SER A 313 24.96 14.80 -11.05
C SER A 313 25.11 16.07 -10.22
N ASP A 314 25.14 15.89 -8.90
CA ASP A 314 25.26 16.97 -7.89
C ASP A 314 24.08 17.95 -7.94
N ILE A 315 22.91 17.43 -8.30
CA ILE A 315 21.67 18.22 -8.37
C ILE A 315 20.68 17.77 -7.29
N ARG A 316 19.60 18.52 -7.14
CA ARG A 316 18.51 18.10 -6.26
C ARG A 316 17.37 17.53 -7.13
N PHE A 317 17.24 16.21 -7.14
CA PHE A 317 16.26 15.53 -7.98
C PHE A 317 15.04 15.11 -7.16
N TYR A 318 13.98 15.92 -7.25
CA TYR A 318 12.69 15.60 -6.64
C TYR A 318 11.86 14.76 -7.59
N VAL A 319 11.23 13.71 -7.06
CA VAL A 319 10.14 13.05 -7.78
C VAL A 319 8.88 12.94 -6.93
N VAL A 320 7.75 13.37 -7.49
CA VAL A 320 6.47 13.32 -6.80
C VAL A 320 5.79 12.00 -7.15
N ASP A 321 5.60 11.19 -6.12
CA ASP A 321 5.09 9.83 -6.26
C ASP A 321 4.13 9.55 -5.10
N PRO A 322 2.84 9.89 -5.28
CA PRO A 322 1.86 9.73 -4.21
C PRO A 322 1.54 8.28 -3.84
N GLY A 323 1.76 7.37 -4.78
CA GLY A 323 1.47 5.95 -4.58
C GLY A 323 2.63 5.09 -4.10
N ALA A 324 3.79 5.72 -3.86
CA ALA A 324 5.03 5.04 -3.45
C ALA A 324 5.47 3.90 -4.39
N ALA A 325 5.23 4.08 -5.68
CA ALA A 325 5.50 3.06 -6.70
C ALA A 325 6.99 2.97 -7.07
N TRP A 326 7.74 4.00 -6.68
CA TRP A 326 9.19 4.12 -6.94
C TRP A 326 9.56 3.92 -8.42
N LYS A 327 8.90 4.69 -9.28
CA LYS A 327 9.21 4.66 -10.70
C LYS A 327 10.37 5.62 -10.98
N ASP A 328 11.55 5.04 -11.16
CA ASP A 328 12.80 5.78 -11.37
C ASP A 328 13.87 4.82 -11.91
N PRO A 329 13.81 4.51 -13.23
CA PRO A 329 14.76 3.60 -13.90
C PRO A 329 16.14 4.21 -14.09
N ILE A 330 16.31 5.42 -13.59
CA ILE A 330 17.54 6.17 -13.72
C ILE A 330 18.26 6.19 -12.37
N LYS A 331 17.50 5.84 -11.32
CA LYS A 331 17.93 5.89 -9.89
C LYS A 331 18.45 7.26 -9.49
N ALA A 332 17.85 8.31 -10.06
CA ALA A 332 18.34 9.66 -9.90
C ALA A 332 17.82 10.37 -8.65
N VAL A 333 16.75 9.83 -8.05
CA VAL A 333 16.06 10.46 -6.92
C VAL A 333 17.00 10.91 -5.80
N THR A 334 16.78 12.13 -5.32
CA THR A 334 17.45 12.66 -4.14
C THR A 334 16.39 12.86 -3.06
N ASP A 335 15.23 13.37 -3.48
CA ASP A 335 14.12 13.62 -2.56
C ASP A 335 12.81 13.01 -3.10
N MET A 336 12.41 11.91 -2.49
CA MET A 336 11.17 11.23 -2.87
C MET A 336 9.99 11.86 -2.14
N ILE A 337 9.07 12.44 -2.90
CA ILE A 337 7.91 13.16 -2.34
C ILE A 337 6.61 12.35 -2.47
N HIS A 338 6.08 11.90 -1.33
CA HIS A 338 4.89 11.07 -1.33
C HIS A 338 3.62 11.87 -1.02
N CYS A 339 3.28 12.80 -1.90
CA CYS A 339 2.03 13.55 -1.70
C CYS A 339 1.25 13.81 -2.98
N ASP A 340 0.01 14.28 -2.80
CA ASP A 340 -0.90 14.61 -3.89
C ASP A 340 -0.33 15.73 -4.75
N GLU A 341 -0.41 15.56 -6.07
CA GLU A 341 0.16 16.51 -7.03
C GLU A 341 -0.50 17.89 -6.98
N ARG A 342 -1.84 17.91 -6.94
CA ARG A 342 -2.60 19.16 -6.85
C ARG A 342 -2.29 19.93 -5.56
N PHE A 343 -2.11 19.18 -4.47
CA PHE A 343 -1.72 19.77 -3.18
C PHE A 343 -0.37 20.48 -3.25
N LEU A 344 0.63 19.81 -3.82
CA LEU A 344 2.00 20.33 -3.90
C LEU A 344 2.07 21.59 -4.77
N LEU A 345 1.38 21.55 -5.90
CA LEU A 345 1.33 22.66 -6.83
C LEU A 345 0.68 23.90 -6.20
N ASP A 346 -0.34 23.67 -5.37
CA ASP A 346 -1.06 24.77 -4.72
C ASP A 346 -0.28 25.44 -3.58
N ILE A 347 0.40 24.64 -2.76
CA ILE A 347 1.21 25.19 -1.67
C ILE A 347 2.47 25.86 -2.18
N MET A 348 2.99 25.38 -3.31
CA MET A 348 4.12 26.02 -3.98
C MET A 348 3.67 27.32 -4.66
N GLN A 349 2.42 27.35 -5.13
CA GLN A 349 1.84 28.58 -5.69
C GLN A 349 1.58 29.65 -4.63
N GLN A 350 1.42 29.22 -3.37
CA GLN A 350 1.14 30.14 -2.28
C GLN A 350 2.41 30.60 -1.55
N ASN A 351 3.40 29.71 -1.43
CA ASN A 351 4.54 29.96 -0.55
C ASN A 351 5.88 30.31 -1.21
N MET A 352 6.05 29.95 -2.48
CA MET A 352 7.26 30.31 -3.23
C MET A 352 7.20 31.79 -3.65
N PRO A 353 8.35 32.51 -3.60
CA PRO A 353 8.38 33.94 -3.92
C PRO A 353 8.15 34.28 -5.39
N ASP A 354 7.80 35.54 -5.66
CA ASP A 354 7.51 36.03 -7.01
C ASP A 354 8.74 36.66 -7.66
N ASP A 355 9.62 37.19 -6.81
CA ASP A 355 10.81 37.94 -7.27
C ASP A 355 12.00 37.03 -7.58
N ALA A 356 11.73 35.72 -7.67
CA ALA A 356 12.76 34.71 -7.89
C ALA A 356 13.09 34.51 -9.37
N LYS A 357 12.35 35.20 -10.25
CA LYS A 357 12.45 35.02 -11.70
C LYS A 357 13.77 35.49 -12.32
N ASP A 358 14.50 34.52 -12.88
CA ASP A 358 15.65 34.77 -13.72
C ASP A 358 15.17 34.60 -15.17
N ALA A 359 15.16 35.69 -15.92
CA ALA A 359 14.66 35.70 -17.29
C ALA A 359 15.55 34.91 -18.24
N ALA A 360 16.87 34.98 -18.01
CA ALA A 360 17.88 34.31 -18.84
C ALA A 360 17.81 32.78 -18.84
N TRP A 361 17.32 32.22 -17.73
CA TRP A 361 17.17 30.77 -17.57
C TRP A 361 16.08 30.19 -18.46
N LEU A 362 14.86 30.70 -18.34
CA LEU A 362 13.74 30.29 -19.19
C LEU A 362 14.01 30.61 -20.68
N ASN A 363 14.57 31.79 -20.92
CA ASN A 363 14.93 32.24 -22.27
C ASN A 363 15.80 31.25 -23.04
N GLY A 364 16.81 30.70 -22.35
CA GLY A 364 17.70 29.69 -22.91
C GLY A 364 16.98 28.44 -23.39
N TRP A 365 16.01 27.98 -22.58
CA TRP A 365 15.20 26.80 -22.90
C TRP A 365 14.27 27.03 -24.09
N THR A 366 13.55 28.16 -24.07
CA THR A 366 12.64 28.53 -25.15
C THR A 366 13.34 28.77 -26.48
N SER A 367 14.59 29.24 -26.43
CA SER A 367 15.41 29.47 -27.62
C SER A 367 15.72 28.19 -28.40
N TYR A 368 16.32 27.20 -27.72
CA TYR A 368 16.56 25.88 -28.33
C TYR A 368 15.27 25.23 -28.84
N ASN A 369 14.18 25.46 -28.10
CA ASN A 369 12.86 24.95 -28.46
C ASN A 369 12.34 25.53 -29.78
N LYS A 370 12.47 26.85 -29.94
CA LYS A 370 12.10 27.54 -31.18
C LYS A 370 12.97 27.09 -32.36
N VAL A 371 14.27 26.95 -32.10
CA VAL A 371 15.26 26.51 -33.11
C VAL A 371 14.97 25.10 -33.62
N ALA A 372 14.73 24.17 -32.69
CA ALA A 372 14.47 22.78 -33.04
C ALA A 372 13.12 22.55 -33.74
N ARG A 373 12.16 23.43 -33.46
CA ARG A 373 10.86 23.42 -34.17
C ARG A 373 11.01 23.69 -35.66
N GLU A 374 11.95 24.58 -35.99
CA GLU A 374 12.27 24.91 -37.39
C GLU A 374 12.89 23.73 -38.13
N ILE A 375 13.83 23.05 -37.46
CA ILE A 375 14.51 21.88 -38.03
C ILE A 375 13.49 20.78 -38.35
N VAL A 376 12.54 20.57 -37.44
CA VAL A 376 11.46 19.60 -37.61
C VAL A 376 10.48 20.00 -38.74
N LEU A 377 10.03 21.26 -38.72
CA LEU A 377 9.06 21.76 -39.71
C LEU A 377 9.62 21.96 -41.13
N ALA A 378 10.96 21.97 -41.25
CA ALA A 378 11.61 22.10 -42.56
C ALA A 378 11.48 20.81 -43.38
N GLU A 379 11.35 19.68 -42.68
CA GLU A 379 11.21 18.38 -43.33
C GLU A 379 9.76 17.99 -43.63
N MET A 380 8.82 18.47 -42.82
CA MET A 380 7.43 17.99 -42.89
C MET A 380 6.53 18.69 -43.92
N ALA A 381 7.08 18.91 -45.11
CA ALA A 381 6.30 19.40 -46.24
C ALA A 381 6.61 18.56 -47.49
N ASN A 382 6.83 17.27 -47.27
CA ASN A 382 7.18 16.32 -48.33
C ASN A 382 6.01 15.43 -48.74
N GLU A 387 7.13 9.49 -44.28
CA GLU A 387 5.78 9.98 -44.01
C GLU A 387 5.29 9.53 -42.63
N GLU A 388 6.18 8.89 -41.88
CA GLU A 388 5.86 8.39 -40.54
C GLU A 388 5.84 9.52 -39.49
N GLY A 389 6.46 10.64 -39.83
CA GLY A 389 6.43 11.83 -38.98
C GLY A 389 5.38 12.83 -39.42
N LYS A 390 5.07 12.82 -40.71
CA LYS A 390 4.13 13.77 -41.31
C LYS A 390 2.69 13.37 -40.98
N ILE A 391 2.51 12.09 -40.68
CA ILE A 391 1.22 11.54 -40.27
C ILE A 391 0.77 12.05 -38.90
N VAL A 392 1.73 12.32 -38.02
CA VAL A 392 1.47 12.89 -36.71
C VAL A 392 1.12 14.38 -36.88
N ALA A 393 1.93 15.06 -37.70
CA ALA A 393 1.79 16.49 -37.95
C ALA A 393 0.47 16.84 -38.62
N GLU A 394 0.03 15.99 -39.55
CA GLU A 394 -1.27 16.15 -40.20
C GLU A 394 -2.41 15.88 -39.24
N LEU A 395 -2.21 14.89 -38.37
CA LEU A 395 -3.19 14.54 -37.35
C LEU A 395 -3.34 15.66 -36.33
N ARG A 396 -2.22 16.28 -35.94
CA ARG A 396 -2.23 17.43 -35.03
C ARG A 396 -3.12 18.57 -35.53
N ARG A 397 -3.04 18.86 -36.83
CA ARG A 397 -3.85 19.93 -37.42
C ARG A 397 -5.31 19.53 -37.65
N LEU A 398 -5.54 18.29 -38.09
CA LEU A 398 -6.88 17.85 -38.50
C LEU A 398 -7.84 17.50 -37.36
N LEU A 399 -7.30 17.29 -36.16
CA LEU A 399 -8.08 16.92 -34.98
C LEU A 399 -9.02 18.04 -34.51
N PRO A 400 -10.20 17.69 -33.96
CA PRO A 400 -11.13 18.66 -33.38
C PRO A 400 -10.60 19.37 -32.11
N ASP A 401 -11.32 20.40 -31.68
CA ASP A 401 -10.95 21.19 -30.50
C ASP A 401 -11.11 20.44 -29.18
N LYS A 402 -11.94 19.40 -29.19
CA LYS A 402 -12.14 18.54 -28.03
C LYS A 402 -12.18 17.10 -28.54
N ALA A 403 -11.10 16.36 -28.30
CA ALA A 403 -10.94 15.01 -28.84
C ALA A 403 -10.10 14.10 -27.95
N GLY A 404 -10.16 12.78 -28.24
CA GLY A 404 -9.33 11.80 -27.56
C GLY A 404 -8.42 11.08 -28.55
N LEU A 405 -7.17 10.86 -28.16
CA LEU A 405 -6.22 10.13 -29.01
C LEU A 405 -5.48 9.04 -28.23
N PHE A 406 -5.80 7.79 -28.54
CA PHE A 406 -5.02 6.66 -28.03
C PHE A 406 -3.87 6.37 -28.98
N ILE A 407 -2.68 6.22 -28.42
CA ILE A 407 -1.47 5.97 -29.21
C ILE A 407 -0.90 4.59 -28.91
N GLY A 408 -0.54 3.86 -29.96
CA GLY A 408 0.13 2.55 -29.84
C GLY A 408 1.56 2.69 -29.33
N ASN A 409 2.09 1.59 -28.80
CA ASN A 409 3.37 1.62 -28.07
C ASN A 409 4.64 1.42 -28.89
N SER A 410 4.46 1.18 -30.17
CA SER A 410 5.57 0.99 -31.07
C SER A 410 6.12 2.33 -31.55
N MET A 411 6.42 2.41 -32.84
CA MET A 411 6.93 3.65 -33.43
C MET A 411 6.02 4.89 -33.31
N PRO A 412 4.67 4.72 -33.27
CA PRO A 412 3.79 5.88 -33.03
C PRO A 412 4.03 6.72 -31.76
N ILE A 413 4.63 6.14 -30.73
CA ILE A 413 4.90 6.88 -29.49
C ILE A 413 6.19 7.72 -29.55
N ARG A 414 7.16 7.26 -30.33
CA ARG A 414 8.42 7.98 -30.51
C ARG A 414 8.27 9.14 -31.49
N ASP A 415 7.33 9.00 -32.42
CA ASP A 415 7.06 10.01 -33.45
C ASP A 415 6.06 11.06 -32.99
N VAL A 416 5.29 10.75 -31.96
CA VAL A 416 4.40 11.74 -31.36
C VAL A 416 5.20 12.64 -30.41
N ASP A 417 6.39 12.18 -30.01
CA ASP A 417 7.27 12.94 -29.14
C ASP A 417 8.05 13.98 -29.93
N THR A 418 8.31 13.69 -31.21
CA THR A 418 9.12 14.57 -32.04
C THR A 418 8.25 15.53 -32.85
N TYR A 419 7.13 15.02 -33.36
CA TYR A 419 6.33 15.74 -34.35
C TYR A 419 4.99 16.24 -33.82
N PHE A 420 4.77 16.16 -32.51
CA PHE A 420 3.55 16.71 -31.92
C PHE A 420 3.91 17.76 -30.88
N SER A 421 4.15 18.98 -31.35
CA SER A 421 4.41 20.12 -30.48
C SER A 421 3.09 20.67 -29.95
N GLN A 422 3.17 21.69 -29.09
CA GLN A 422 2.00 22.23 -28.42
C GLN A 422 0.97 22.85 -29.37
N ILE A 423 -0.29 22.48 -29.19
CA ILE A 423 -1.42 22.98 -29.97
C ILE A 423 -2.45 23.58 -29.01
N ASP A 424 -3.27 24.51 -29.50
CA ASP A 424 -4.31 25.15 -28.67
C ASP A 424 -5.67 24.44 -28.74
N LYS A 425 -5.63 23.11 -28.68
CA LYS A 425 -6.84 22.29 -28.63
C LYS A 425 -6.77 21.35 -27.43
N LYS A 426 -7.92 21.08 -26.80
CA LYS A 426 -7.99 20.09 -25.73
C LYS A 426 -7.99 18.68 -26.30
N ILE A 427 -6.87 17.98 -26.18
CA ILE A 427 -6.78 16.59 -26.64
C ILE A 427 -6.30 15.67 -25.53
N LYS A 428 -7.18 14.78 -25.07
CA LYS A 428 -6.81 13.73 -24.12
C LYS A 428 -6.00 12.65 -24.80
N MET A 429 -4.74 12.53 -24.40
CA MET A 429 -3.83 11.56 -25.00
C MET A 429 -3.54 10.42 -24.04
N LEU A 430 -3.76 9.21 -24.54
CA LEU A 430 -3.73 8.01 -23.70
C LEU A 430 -2.85 6.94 -24.33
N ALA A 431 -2.08 6.26 -23.48
CA ALA A 431 -1.29 5.11 -23.92
C ALA A 431 -1.14 4.14 -22.75
N ASN A 432 -0.86 2.88 -23.08
CA ASN A 432 -0.57 1.87 -22.08
C ASN A 432 0.92 1.88 -21.78
N ARG A 433 1.30 2.64 -20.77
CA ARG A 433 2.71 2.91 -20.51
C ARG A 433 3.26 2.23 -19.26
N GLY A 434 2.48 1.30 -18.70
CA GLY A 434 2.94 0.51 -17.57
C GLY A 434 3.91 -0.56 -18.01
N ALA A 435 3.38 -1.66 -18.54
CA ALA A 435 4.20 -2.76 -19.03
C ALA A 435 4.36 -2.70 -20.56
N ASN A 436 3.92 -1.57 -21.13
CA ASN A 436 3.91 -1.32 -22.58
C ASN A 436 3.27 -2.49 -23.35
N GLY A 437 3.96 -2.96 -24.37
CA GLY A 437 3.50 -4.09 -25.16
C GLY A 437 2.60 -3.70 -26.31
N ILE A 438 2.69 -4.46 -27.39
CA ILE A 438 1.90 -4.22 -28.60
C ILE A 438 0.48 -4.80 -28.54
N ASP A 439 0.17 -5.48 -27.42
CA ASP A 439 -1.09 -6.19 -27.27
C ASP A 439 -2.20 -5.36 -26.62
N GLY A 440 -3.41 -5.53 -27.13
CA GLY A 440 -4.63 -4.99 -26.53
C GLY A 440 -4.95 -3.52 -26.69
N VAL A 441 -4.26 -2.82 -27.58
CA VAL A 441 -4.43 -1.36 -27.66
C VAL A 441 -5.71 -0.92 -28.40
N VAL A 442 -6.28 -1.82 -29.19
CA VAL A 442 -7.56 -1.55 -29.86
C VAL A 442 -8.69 -1.53 -28.84
N SER A 443 -8.77 -2.61 -28.03
CA SER A 443 -9.77 -2.72 -26.97
C SER A 443 -9.60 -1.61 -25.93
N SER A 444 -8.35 -1.25 -25.63
CA SER A 444 -8.04 -0.14 -24.75
C SER A 444 -8.63 1.18 -25.24
N ALA A 445 -8.38 1.49 -26.53
CA ALA A 445 -8.93 2.67 -27.18
C ALA A 445 -10.45 2.64 -27.22
N LEU A 446 -10.99 1.44 -27.43
CA LEU A 446 -12.43 1.23 -27.53
C LEU A 446 -13.13 1.35 -26.19
N GLY A 447 -12.43 1.00 -25.11
CA GLY A 447 -12.94 1.18 -23.75
C GLY A 447 -12.91 2.65 -23.38
N ALA A 448 -11.84 3.32 -23.76
CA ALA A 448 -11.68 4.76 -23.54
C ALA A 448 -12.68 5.60 -24.33
N SER A 449 -13.14 5.06 -25.46
CA SER A 449 -14.11 5.73 -26.34
C SER A 449 -15.49 5.93 -25.72
N VAL A 450 -15.77 5.19 -24.65
CA VAL A 450 -17.00 5.33 -23.87
C VAL A 450 -17.00 6.68 -23.13
N VAL A 451 -15.82 7.17 -22.78
CA VAL A 451 -15.67 8.39 -22.00
C VAL A 451 -15.40 9.62 -22.87
N PHE A 452 -14.33 9.56 -23.67
CA PHE A 452 -13.93 10.70 -24.50
C PHE A 452 -14.39 10.57 -25.95
N GLN A 453 -15.02 11.62 -26.46
CA GLN A 453 -15.51 11.64 -27.84
C GLN A 453 -15.17 12.95 -28.57
N PRO A 454 -14.73 12.87 -29.84
CA PRO A 454 -14.45 11.65 -30.62
C PRO A 454 -13.11 11.00 -30.28
N MET A 455 -13.05 9.68 -30.44
CA MET A 455 -11.82 8.93 -30.15
C MET A 455 -11.07 8.54 -31.40
N PHE A 456 -9.76 8.74 -31.35
CA PHE A 456 -8.88 8.48 -32.46
C PHE A 456 -7.80 7.50 -32.01
N LEU A 457 -7.37 6.62 -32.91
CA LEU A 457 -6.33 5.65 -32.59
C LEU A 457 -5.23 5.67 -33.63
N LEU A 458 -4.05 6.14 -33.22
CA LEU A 458 -2.85 6.02 -34.05
C LEU A 458 -2.16 4.73 -33.65
N ILE A 459 -1.96 3.86 -34.63
CA ILE A 459 -1.55 2.48 -34.36
C ILE A 459 -0.67 1.92 -35.49
N GLY A 460 0.20 0.98 -35.15
CA GLY A 460 0.97 0.23 -36.15
C GLY A 460 0.20 -1.00 -36.60
N ASP A 461 0.67 -1.62 -37.67
CA ASP A 461 0.02 -2.81 -38.25
C ASP A 461 0.12 -4.06 -37.37
N LEU A 462 1.24 -4.20 -36.67
CA LEU A 462 1.47 -5.32 -35.74
C LEU A 462 0.49 -5.30 -34.57
N SER A 463 0.31 -4.12 -33.95
CA SER A 463 -0.63 -3.94 -32.86
C SER A 463 -2.07 -4.10 -33.33
N PHE A 464 -2.36 -3.61 -34.53
CA PHE A 464 -3.70 -3.69 -35.09
C PHE A 464 -4.15 -5.13 -35.29
N TYR A 465 -3.24 -5.95 -35.83
CA TYR A 465 -3.48 -7.37 -36.01
C TYR A 465 -3.67 -8.09 -34.68
N HIS A 466 -2.82 -7.74 -33.71
CA HIS A 466 -2.76 -8.40 -32.41
C HIS A 466 -4.10 -8.36 -31.68
N ASP A 467 -4.73 -7.19 -31.68
CA ASP A 467 -6.02 -7.00 -31.03
C ASP A 467 -7.08 -6.64 -32.06
N MET A 468 -7.05 -7.32 -33.20
CA MET A 468 -8.01 -7.09 -34.28
C MET A 468 -9.42 -7.45 -33.88
N ASN A 469 -9.58 -8.58 -33.19
CA ASN A 469 -10.92 -9.07 -32.86
C ASN A 469 -11.66 -8.26 -31.77
N GLY A 470 -10.96 -7.29 -31.18
CA GLY A 470 -11.59 -6.34 -30.26
C GLY A 470 -12.51 -5.35 -30.96
N LEU A 471 -12.41 -5.31 -32.30
CA LEU A 471 -13.27 -4.47 -33.13
C LEU A 471 -14.74 -4.91 -33.17
N LEU A 472 -15.01 -6.12 -32.70
CA LEU A 472 -16.37 -6.64 -32.53
C LEU A 472 -17.18 -5.77 -31.56
N MET A 473 -16.50 -5.27 -30.53
CA MET A 473 -17.09 -4.39 -29.52
C MET A 473 -17.55 -3.06 -30.12
N ALA A 474 -16.81 -2.57 -31.11
CA ALA A 474 -17.20 -1.38 -31.87
C ALA A 474 -18.43 -1.65 -32.73
N LYS A 475 -18.51 -2.87 -33.27
CA LYS A 475 -19.63 -3.25 -34.13
C LYS A 475 -20.92 -3.51 -33.35
N LYS A 476 -20.86 -4.37 -32.34
CA LYS A 476 -22.06 -4.78 -31.62
C LYS A 476 -22.59 -3.75 -30.61
N TYR A 477 -21.74 -2.81 -30.21
CA TYR A 477 -22.19 -1.72 -29.32
C TYR A 477 -22.24 -0.36 -30.01
N LYS A 478 -22.03 -0.37 -31.33
CA LYS A 478 -22.10 0.83 -32.19
C LYS A 478 -21.29 2.00 -31.63
N MET A 479 -19.98 1.81 -31.59
CA MET A 479 -19.06 2.76 -30.97
C MET A 479 -18.38 3.64 -32.00
N ASN A 480 -17.96 4.82 -31.59
CA ASN A 480 -17.25 5.72 -32.47
C ASN A 480 -15.73 5.73 -32.19
N LEU A 481 -14.97 5.30 -33.19
CA LEU A 481 -13.52 5.27 -33.12
C LEU A 481 -12.91 5.38 -34.52
N THR A 482 -11.98 6.32 -34.67
CA THR A 482 -11.25 6.50 -35.92
C THR A 482 -9.85 5.93 -35.79
N ILE A 483 -9.52 4.94 -36.60
CA ILE A 483 -8.25 4.24 -36.51
C ILE A 483 -7.32 4.63 -37.66
N VAL A 484 -6.12 5.10 -37.30
CA VAL A 484 -5.10 5.38 -38.29
C VAL A 484 -4.00 4.33 -38.17
N ILE A 485 -3.85 3.52 -39.21
CA ILE A 485 -2.84 2.47 -39.25
C ILE A 485 -1.62 2.90 -40.05
N VAL A 486 -0.49 3.04 -39.36
CA VAL A 486 0.79 3.24 -40.01
C VAL A 486 1.31 1.86 -40.40
N ASN A 487 0.98 1.43 -41.62
CA ASN A 487 1.44 0.16 -42.16
C ASN A 487 2.77 0.32 -42.88
N ASN A 488 3.86 0.16 -42.12
CA ASN A 488 5.21 0.18 -42.68
C ASN A 488 5.58 -1.16 -43.31
N ASP A 489 5.16 -2.25 -42.65
CA ASP A 489 5.32 -3.64 -43.11
C ASP A 489 6.76 -4.01 -43.47
N GLU A 515 1.85 -8.46 -45.79
CA GLU A 515 1.14 -9.24 -46.79
C GLU A 515 -0.38 -9.09 -46.68
N LEU A 516 -0.83 -8.41 -45.61
CA LEU A 516 -2.25 -8.32 -45.28
C LEU A 516 -2.99 -7.16 -45.93
N ASP A 517 -4.17 -7.47 -46.47
CA ASP A 517 -5.05 -6.46 -47.06
C ASP A 517 -6.16 -6.13 -46.07
N PHE A 518 -6.02 -5.00 -45.40
CA PHE A 518 -6.90 -4.64 -44.26
C PHE A 518 -8.33 -4.24 -44.61
N ARG A 519 -8.62 -4.15 -45.91
CA ARG A 519 -9.97 -3.86 -46.40
C ARG A 519 -10.96 -4.95 -46.00
N PHE A 520 -10.50 -6.20 -46.04
CA PHE A 520 -11.32 -7.36 -45.69
C PHE A 520 -11.63 -7.43 -44.21
N ALA A 521 -10.68 -6.96 -43.40
CA ALA A 521 -10.87 -6.83 -41.96
C ALA A 521 -11.92 -5.76 -41.65
N ALA A 522 -11.87 -4.66 -42.39
CA ALA A 522 -12.81 -3.55 -42.25
C ALA A 522 -14.24 -3.96 -42.59
N ALA A 523 -14.39 -4.69 -43.69
CA ALA A 523 -15.69 -5.16 -44.15
C ALA A 523 -16.30 -6.17 -43.17
N PHE A 524 -15.45 -6.98 -42.56
CA PHE A 524 -15.85 -7.97 -41.56
C PHE A 524 -16.47 -7.33 -40.32
N TYR A 525 -15.88 -6.23 -39.86
CA TYR A 525 -16.35 -5.56 -38.65
C TYR A 525 -17.23 -4.33 -38.91
N ASP A 526 -17.78 -4.26 -40.13
CA ASP A 526 -18.68 -3.17 -40.60
C ASP A 526 -18.05 -1.78 -40.58
N ALA A 527 -16.74 -1.73 -40.78
CA ALA A 527 -16.00 -0.47 -40.71
C ALA A 527 -15.89 0.16 -42.09
N ASP A 528 -15.93 1.50 -42.13
CA ASP A 528 -15.66 2.24 -43.34
C ASP A 528 -14.14 2.26 -43.57
N TYR A 529 -13.72 1.70 -44.70
CA TYR A 529 -12.31 1.64 -45.04
C TYR A 529 -11.88 2.85 -45.87
N HIS A 530 -10.68 3.35 -45.57
CA HIS A 530 -10.06 4.43 -46.33
C HIS A 530 -8.60 4.08 -46.56
N GLU A 531 -8.12 4.30 -47.77
CA GLU A 531 -6.70 4.14 -48.05
C GLU A 531 -6.11 5.50 -48.42
N ALA A 532 -5.25 6.01 -47.53
CA ALA A 532 -4.60 7.29 -47.76
C ALA A 532 -3.23 7.08 -48.38
N LYS A 533 -3.10 7.51 -49.64
CA LYS A 533 -1.83 7.42 -50.37
C LYS A 533 -1.10 8.77 -50.38
N SER A 534 -1.84 9.84 -50.11
CA SER A 534 -1.28 11.20 -50.06
C SER A 534 -1.78 11.99 -48.85
N VAL A 535 -1.19 13.17 -48.67
CA VAL A 535 -1.55 14.11 -47.61
C VAL A 535 -3.02 14.55 -47.72
N ASP A 536 -3.45 14.81 -48.95
CA ASP A 536 -4.83 15.23 -49.22
C ASP A 536 -5.84 14.09 -49.04
N GLU A 537 -5.38 12.86 -49.29
CA GLU A 537 -6.22 11.66 -49.10
C GLU A 537 -6.49 11.39 -47.63
N LEU A 538 -5.55 11.78 -46.77
CA LEU A 538 -5.73 11.70 -45.32
C LEU A 538 -6.76 12.73 -44.83
N GLU A 539 -6.69 13.95 -45.38
CA GLU A 539 -7.65 15.03 -45.06
C GLU A 539 -9.10 14.65 -45.33
N GLU A 540 -9.32 14.01 -46.48
CA GLU A 540 -10.66 13.56 -46.89
C GLU A 540 -11.16 12.45 -45.99
N ALA A 541 -10.24 11.58 -45.56
CA ALA A 541 -10.56 10.45 -44.69
C ALA A 541 -10.98 10.90 -43.29
N ILE A 542 -10.22 11.82 -42.71
CA ILE A 542 -10.51 12.39 -41.38
C ILE A 542 -11.85 13.12 -41.36
N ASP A 543 -12.09 13.91 -42.41
CA ASP A 543 -13.35 14.67 -42.57
C ASP A 543 -14.58 13.76 -42.64
N LYS A 544 -14.44 12.65 -43.36
CA LYS A 544 -15.49 11.63 -43.49
C LYS A 544 -15.70 10.89 -42.17
N ALA A 545 -14.60 10.65 -41.45
CA ALA A 545 -14.62 9.88 -40.20
C ALA A 545 -15.35 10.57 -39.06
N SER A 546 -15.11 11.88 -38.92
CA SER A 546 -15.76 12.68 -37.88
C SER A 546 -17.22 12.99 -38.20
N TYR A 547 -17.60 12.75 -39.45
CA TYR A 547 -18.95 13.04 -39.94
C TYR A 547 -19.99 12.00 -39.50
N HIS A 548 -19.56 10.76 -39.25
CA HIS A 548 -20.49 9.71 -38.81
C HIS A 548 -20.06 8.98 -37.55
N LYS A 549 -21.05 8.68 -36.71
CA LYS A 549 -20.83 7.93 -35.47
C LYS A 549 -20.72 6.45 -35.81
N GLY A 550 -19.48 5.96 -35.84
CA GLY A 550 -19.20 4.57 -36.18
C GLY A 550 -17.72 4.32 -36.34
N LEU A 551 -17.39 3.11 -36.78
CA LEU A 551 -16.00 2.67 -36.86
C LEU A 551 -15.34 3.04 -38.19
N ASP A 552 -14.24 3.77 -38.11
CA ASP A 552 -13.47 4.17 -39.29
C ASP A 552 -12.05 3.67 -39.20
N ILE A 553 -11.51 3.24 -40.35
CA ILE A 553 -10.15 2.71 -40.41
C ILE A 553 -9.41 3.26 -41.64
N ILE A 554 -8.32 3.97 -41.36
CA ILE A 554 -7.53 4.66 -42.36
C ILE A 554 -6.14 4.01 -42.41
N GLU A 555 -5.84 3.35 -43.52
CA GLU A 555 -4.55 2.70 -43.68
C GLU A 555 -3.59 3.57 -44.49
N VAL A 556 -2.39 3.76 -43.96
CA VAL A 556 -1.34 4.50 -44.67
C VAL A 556 -0.15 3.58 -44.96
N LYS A 557 -0.01 3.19 -46.22
CA LYS A 557 1.03 2.26 -46.65
C LYS A 557 2.32 2.98 -47.02
N THR B 4 38.93 -9.25 -12.71
CA THR B 4 38.45 -8.11 -11.88
C THR B 4 38.81 -8.28 -10.40
N ASN B 5 38.80 -7.18 -9.66
CA ASN B 5 39.00 -7.21 -8.21
C ASN B 5 37.68 -7.50 -7.50
N HIS B 6 37.38 -8.80 -7.35
CA HIS B 6 36.14 -9.29 -6.74
C HIS B 6 35.85 -8.73 -5.34
N GLU B 7 36.91 -8.55 -4.55
CA GLU B 7 36.79 -8.10 -3.17
C GLU B 7 36.44 -6.61 -3.04
N GLN B 8 36.98 -5.78 -3.93
CA GLN B 8 36.63 -4.36 -3.96
C GLN B 8 35.21 -4.15 -4.50
N VAL B 9 34.88 -4.90 -5.55
CA VAL B 9 33.55 -4.87 -6.16
C VAL B 9 32.49 -5.18 -5.10
N LEU B 10 32.71 -6.26 -4.35
CA LEU B 10 31.80 -6.69 -3.29
C LEU B 10 31.74 -5.67 -2.15
N THR B 11 32.89 -5.04 -1.85
CA THR B 11 32.96 -4.01 -0.82
C THR B 11 32.13 -2.78 -1.19
N ASP B 12 32.32 -2.28 -2.41
CA ASP B 12 31.63 -1.09 -2.90
C ASP B 12 30.12 -1.26 -2.95
N TYR B 13 29.69 -2.40 -3.51
CA TYR B 13 28.29 -2.75 -3.72
C TYR B 13 27.51 -2.78 -2.41
N LEU B 14 28.08 -3.40 -1.40
CA LEU B 14 27.42 -3.52 -0.11
C LEU B 14 27.50 -2.23 0.69
N ALA B 15 28.64 -1.53 0.59
CA ALA B 15 28.83 -0.24 1.27
C ALA B 15 27.78 0.78 0.86
N ALA B 16 27.51 0.85 -0.45
CA ALA B 16 26.50 1.73 -1.01
C ALA B 16 25.09 1.42 -0.48
N PHE B 17 24.80 0.14 -0.33
CA PHE B 17 23.52 -0.32 0.21
C PHE B 17 23.37 -0.05 1.70
N ILE B 18 24.40 -0.40 2.48
CA ILE B 18 24.39 -0.27 3.93
C ILE B 18 24.33 1.19 4.39
N GLU B 19 25.19 2.03 3.80
CA GLU B 19 25.23 3.47 4.09
C GLU B 19 23.85 4.13 3.95
N GLU B 20 23.13 3.77 2.89
CA GLU B 20 21.81 4.35 2.63
C GLU B 20 20.71 3.92 3.59
N LEU B 21 20.83 2.71 4.15
CA LEU B 21 19.89 2.23 5.17
C LEU B 21 20.00 3.06 6.43
N VAL B 22 21.24 3.33 6.85
CA VAL B 22 21.53 4.16 8.02
C VAL B 22 21.06 5.59 7.80
N GLN B 23 21.35 6.12 6.61
CA GLN B 23 20.95 7.47 6.23
C GLN B 23 19.43 7.61 6.10
N ALA B 24 18.75 6.50 5.83
CA ALA B 24 17.28 6.47 5.77
C ALA B 24 16.61 6.21 7.14
N GLY B 25 17.40 5.82 8.14
CA GLY B 25 16.90 5.76 9.52
C GLY B 25 17.18 4.51 10.33
N VAL B 26 17.91 3.56 9.75
CA VAL B 26 18.22 2.31 10.44
C VAL B 26 19.37 2.54 11.43
N LYS B 27 19.10 2.28 12.70
CA LYS B 27 20.10 2.41 13.76
C LYS B 27 20.60 1.04 14.24
N GLU B 28 19.74 0.04 14.18
CA GLU B 28 20.10 -1.31 14.65
C GLU B 28 19.98 -2.41 13.60
N ALA B 29 20.89 -3.37 13.68
CA ALA B 29 20.87 -4.56 12.85
C ALA B 29 21.05 -5.80 13.72
N ILE B 30 20.17 -6.79 13.53
CA ILE B 30 20.22 -8.03 14.30
C ILE B 30 20.76 -9.14 13.42
N ILE B 31 21.96 -9.61 13.74
CA ILE B 31 22.70 -10.56 12.90
C ILE B 31 22.68 -11.98 13.45
N SER B 32 22.51 -12.93 12.54
CA SER B 32 22.78 -14.33 12.81
C SER B 32 23.96 -14.77 11.92
N PRO B 33 24.96 -15.44 12.52
CA PRO B 33 26.19 -15.79 11.80
C PRO B 33 26.05 -16.93 10.80
N GLY B 34 27.07 -17.12 9.98
CA GLY B 34 27.10 -18.13 8.93
C GLY B 34 28.06 -17.69 7.84
N SER B 35 28.43 -18.63 6.97
CA SER B 35 29.43 -18.36 5.93
C SER B 35 29.06 -17.29 4.93
N ARG B 36 27.80 -17.27 4.51
CA ARG B 36 27.36 -16.36 3.44
C ARG B 36 26.96 -14.99 3.97
N SER B 37 26.58 -14.91 5.24
CA SER B 37 26.20 -13.64 5.86
C SER B 37 27.41 -12.83 6.30
N THR B 38 28.58 -13.49 6.34
CA THR B 38 29.84 -12.89 6.79
C THR B 38 30.25 -11.55 6.14
N PRO B 39 30.22 -11.45 4.78
CA PRO B 39 30.59 -10.16 4.17
C PRO B 39 29.67 -8.99 4.56
N LEU B 40 28.38 -9.26 4.65
CA LEU B 40 27.41 -8.27 5.09
C LEU B 40 27.56 -7.97 6.58
N ALA B 41 27.83 -9.01 7.37
CA ALA B 41 27.95 -8.88 8.82
C ALA B 41 29.19 -8.08 9.23
N LEU B 42 30.30 -8.36 8.57
CA LEU B 42 31.56 -7.67 8.85
C LEU B 42 31.46 -6.20 8.51
N MET B 43 30.85 -5.90 7.37
CA MET B 43 30.81 -4.54 6.87
C MET B 43 29.74 -3.70 7.56
N MET B 44 28.72 -4.34 8.12
CA MET B 44 27.75 -3.63 8.94
C MET B 44 28.35 -3.31 10.31
N ALA B 45 29.26 -4.15 10.78
CA ALA B 45 29.97 -3.94 12.04
C ALA B 45 30.93 -2.76 11.96
N GLU B 46 31.57 -2.61 10.80
CA GLU B 46 32.52 -1.52 10.55
C GLU B 46 31.87 -0.15 10.45
N HIS B 47 30.55 -0.12 10.24
CA HIS B 47 29.81 1.14 10.18
C HIS B 47 29.75 1.79 11.57
N PRO B 48 30.21 3.05 11.67
CA PRO B 48 30.35 3.80 12.92
C PRO B 48 29.05 4.00 13.70
N ILE B 49 27.97 4.35 13.01
CA ILE B 49 26.68 4.63 13.69
C ILE B 49 25.92 3.35 14.06
N LEU B 50 25.90 2.38 13.14
CA LEU B 50 25.06 1.18 13.25
C LEU B 50 25.39 0.26 14.42
N LYS B 51 24.42 0.13 15.34
CA LYS B 51 24.53 -0.76 16.49
C LYS B 51 24.15 -2.18 16.11
N ILE B 52 24.90 -3.15 16.62
CA ILE B 52 24.71 -4.55 16.22
C ILE B 52 24.52 -5.51 17.38
N TYR B 53 23.46 -6.32 17.27
CA TYR B 53 23.19 -7.40 18.21
C TYR B 53 23.34 -8.72 17.47
N VAL B 54 23.96 -9.70 18.13
CA VAL B 54 24.17 -11.02 17.55
C VAL B 54 23.27 -12.05 18.24
N ASP B 55 22.38 -12.65 17.47
CA ASP B 55 21.48 -13.69 17.95
C ASP B 55 21.65 -14.92 17.07
N VAL B 56 22.19 -15.98 17.64
CA VAL B 56 22.48 -17.22 16.91
C VAL B 56 21.22 -18.02 16.51
N ASP B 57 20.15 -17.85 17.28
CA ASP B 57 18.86 -18.42 16.93
C ASP B 57 18.12 -17.41 16.04
N GLU B 58 17.93 -17.79 14.78
CA GLU B 58 17.29 -16.92 13.79
C GLU B 58 15.81 -16.64 14.07
N ARG B 59 15.12 -17.58 14.72
CA ARG B 59 13.73 -17.36 15.13
C ARG B 59 13.67 -16.31 16.22
N SER B 60 14.51 -16.47 17.24
CA SER B 60 14.67 -15.49 18.31
C SER B 60 15.10 -14.14 17.76
N ALA B 61 16.06 -14.16 16.81
CA ALA B 61 16.56 -12.96 16.14
C ALA B 61 15.44 -12.13 15.53
N GLY B 62 14.57 -12.79 14.79
CA GLY B 62 13.43 -12.14 14.16
C GLY B 62 12.49 -11.47 15.15
N PHE B 63 12.20 -12.18 16.25
CA PHE B 63 11.31 -11.65 17.28
C PHE B 63 11.97 -10.55 18.12
N PHE B 64 13.28 -10.61 18.25
CA PHE B 64 14.05 -9.56 18.93
C PHE B 64 14.00 -8.27 18.12
N ALA B 65 14.20 -8.38 16.81
CA ALA B 65 14.04 -7.26 15.89
C ALA B 65 12.61 -6.74 15.87
N LEU B 66 11.65 -7.66 15.98
CA LEU B 66 10.23 -7.32 16.01
C LEU B 66 9.90 -6.41 17.18
N GLY B 67 10.30 -6.82 18.39
CA GLY B 67 10.04 -6.06 19.60
C GLY B 67 10.76 -4.72 19.67
N LEU B 68 11.98 -4.68 19.13
CA LEU B 68 12.77 -3.46 19.05
C LEU B 68 12.15 -2.43 18.10
N ALA B 69 11.74 -2.89 16.92
CA ALA B 69 11.09 -2.02 15.93
C ALA B 69 9.69 -1.59 16.36
N LYS B 70 9.01 -2.46 17.11
CA LYS B 70 7.67 -2.19 17.63
C LYS B 70 7.70 -1.05 18.66
N ALA B 71 8.69 -1.10 19.55
CA ALA B 71 8.80 -0.15 20.65
C ALA B 71 9.35 1.21 20.21
N SER B 72 10.28 1.21 19.26
CA SER B 72 11.00 2.41 18.87
C SER B 72 10.42 3.16 17.67
N LYS B 73 9.51 2.51 16.94
CA LYS B 73 8.96 3.01 15.66
C LYS B 73 10.04 3.18 14.58
N ARG B 74 11.12 2.42 14.71
CA ARG B 74 12.31 2.58 13.91
C ARG B 74 12.46 1.36 12.99
N PRO B 75 13.07 1.56 11.80
CA PRO B 75 13.36 0.40 10.96
C PRO B 75 14.56 -0.40 11.49
N VAL B 76 14.37 -1.71 11.66
CA VAL B 76 15.42 -2.58 12.16
C VAL B 76 15.77 -3.66 11.14
N VAL B 77 17.06 -3.79 10.83
CA VAL B 77 17.58 -4.79 9.91
C VAL B 77 17.68 -6.18 10.55
N LEU B 78 17.28 -7.20 9.81
CA LEU B 78 17.64 -8.59 10.11
C LEU B 78 18.64 -9.09 9.08
N LEU B 79 19.63 -9.84 9.52
CA LEU B 79 20.58 -10.47 8.60
C LEU B 79 20.87 -11.90 8.99
N CYS B 80 20.82 -12.80 8.00
CA CYS B 80 21.15 -14.21 8.21
C CYS B 80 21.78 -14.82 6.97
N THR B 81 22.34 -16.02 7.16
CA THR B 81 22.99 -16.74 6.08
C THR B 81 21.97 -17.53 5.24
N SER B 82 22.46 -18.19 4.19
CA SER B 82 21.62 -18.95 3.27
C SER B 82 21.10 -20.26 3.86
N GLY B 83 20.03 -20.78 3.27
CA GLY B 83 19.43 -22.04 3.71
C GLY B 83 18.32 -21.81 4.71
N THR B 84 18.06 -22.84 5.53
CA THR B 84 16.95 -22.85 6.50
C THR B 84 16.96 -21.74 7.55
N ALA B 85 18.11 -21.08 7.72
CA ALA B 85 18.25 -19.92 8.60
C ALA B 85 17.22 -18.85 8.26
N ALA B 86 17.04 -18.60 6.96
CA ALA B 86 16.08 -17.64 6.46
C ALA B 86 14.63 -18.05 6.72
N ALA B 87 14.38 -19.36 6.70
CA ALA B 87 13.06 -19.91 6.99
C ALA B 87 12.62 -19.68 8.44
N ASN B 88 13.59 -19.61 9.36
CA ASN B 88 13.34 -19.33 10.78
C ASN B 88 12.78 -17.93 11.07
N TYR B 89 12.98 -17.00 10.13
CA TYR B 89 12.44 -15.64 10.25
C TYR B 89 10.93 -15.58 10.07
N PHE B 90 10.37 -16.58 9.40
CA PHE B 90 8.96 -16.60 8.99
C PHE B 90 7.90 -16.24 10.06
N PRO B 91 8.01 -16.80 11.29
CA PRO B 91 6.99 -16.40 12.28
C PRO B 91 7.03 -14.91 12.64
N ALA B 92 8.22 -14.34 12.75
CA ALA B 92 8.38 -12.93 13.08
C ALA B 92 7.96 -12.02 11.93
N VAL B 93 8.30 -12.42 10.71
CA VAL B 93 7.92 -11.69 9.51
C VAL B 93 6.39 -11.66 9.36
N ALA B 94 5.75 -12.81 9.57
CA ALA B 94 4.28 -12.93 9.52
C ALA B 94 3.56 -12.04 10.54
N GLU B 95 4.14 -11.93 11.73
CA GLU B 95 3.61 -11.06 12.79
C GLU B 95 3.83 -9.59 12.48
N ALA B 96 5.00 -9.26 11.95
CA ALA B 96 5.35 -7.89 11.53
C ALA B 96 4.38 -7.37 10.49
N ASN B 97 4.05 -8.25 9.54
CA ASN B 97 3.06 -7.96 8.51
C ASN B 97 1.69 -7.56 9.05
N LEU B 98 1.19 -8.28 10.05
CA LEU B 98 -0.13 -8.03 10.60
C LEU B 98 -0.16 -6.95 11.68
N SER B 99 0.98 -6.69 12.31
CA SER B 99 1.08 -5.66 13.35
C SER B 99 1.74 -4.37 12.85
N GLN B 100 1.92 -4.27 11.54
CA GLN B 100 2.51 -3.10 10.86
C GLN B 100 3.88 -2.68 11.39
N ILE B 101 4.84 -3.59 11.29
CA ILE B 101 6.16 -3.38 11.87
C ILE B 101 7.26 -3.39 10.78
N PRO B 102 8.01 -2.28 10.69
CA PRO B 102 9.02 -2.07 9.64
C PRO B 102 10.34 -2.82 9.84
N LEU B 103 10.34 -4.11 9.48
CA LEU B 103 11.57 -4.90 9.51
C LEU B 103 12.20 -4.93 8.12
N ILE B 104 13.52 -4.89 8.09
CA ILE B 104 14.25 -4.98 6.84
C ILE B 104 14.99 -6.30 6.87
N VAL B 105 14.36 -7.34 6.32
CA VAL B 105 14.98 -8.66 6.36
C VAL B 105 15.90 -8.89 5.18
N LEU B 106 17.17 -9.09 5.49
CA LEU B 106 18.19 -9.34 4.49
C LEU B 106 18.66 -10.78 4.63
N THR B 107 18.54 -11.53 3.55
CA THR B 107 18.91 -12.93 3.56
C THR B 107 20.01 -13.14 2.53
N ALA B 108 21.16 -13.63 3.01
CA ALA B 108 22.26 -13.98 2.13
C ALA B 108 21.87 -15.21 1.32
N ASP B 109 22.41 -15.33 0.11
CA ASP B 109 22.03 -16.42 -0.78
C ASP B 109 23.23 -16.90 -1.59
N ARG B 110 23.16 -18.14 -2.06
CA ARG B 110 24.10 -18.67 -3.01
C ARG B 110 23.92 -17.94 -4.35
N PRO B 111 24.99 -17.82 -5.15
CA PRO B 111 24.85 -17.19 -6.46
C PRO B 111 24.11 -18.09 -7.44
N HIS B 112 23.76 -17.54 -8.59
CA HIS B 112 22.92 -18.21 -9.60
C HIS B 112 23.41 -19.60 -10.00
N GLU B 113 24.73 -19.77 -10.07
CA GLU B 113 25.33 -21.05 -10.44
C GLU B 113 25.20 -22.12 -9.35
N LEU B 114 24.93 -21.69 -8.13
CA LEU B 114 24.72 -22.62 -7.03
C LEU B 114 23.30 -22.56 -6.47
N ARG B 115 22.37 -22.08 -7.30
CA ARG B 115 20.95 -22.01 -6.94
C ARG B 115 20.18 -23.19 -7.54
N ASN B 116 19.43 -23.87 -6.67
CA ASN B 116 18.57 -25.01 -7.06
C ASN B 116 19.31 -26.06 -7.89
N VAL B 117 20.40 -26.53 -7.30
CA VAL B 117 21.40 -27.29 -8.02
C VAL B 117 21.93 -28.43 -7.13
N GLY B 118 21.49 -28.45 -5.87
CA GLY B 118 21.92 -29.47 -4.92
C GLY B 118 23.14 -29.06 -4.11
N ALA B 119 23.41 -27.76 -4.08
CA ALA B 119 24.52 -27.20 -3.32
C ALA B 119 24.21 -27.22 -1.81
N PRO B 120 25.25 -27.38 -0.96
CA PRO B 120 25.04 -27.35 0.48
C PRO B 120 24.66 -25.96 1.01
N GLN B 121 23.87 -25.95 2.09
CA GLN B 121 23.33 -24.73 2.71
C GLN B 121 22.62 -23.80 1.73
N ALA B 122 21.84 -24.39 0.84
CA ALA B 122 21.17 -23.66 -0.23
C ALA B 122 19.72 -24.10 -0.39
N MET B 123 18.83 -23.11 -0.47
CA MET B 123 17.42 -23.35 -0.78
C MET B 123 16.88 -22.21 -1.64
N ASP B 124 15.75 -22.45 -2.29
CA ASP B 124 15.08 -21.41 -3.07
C ASP B 124 14.53 -20.33 -2.15
N GLN B 125 15.06 -19.12 -2.30
CA GLN B 125 14.73 -18.02 -1.39
C GLN B 125 13.95 -16.90 -2.08
N LEU B 126 13.60 -17.09 -3.35
CA LEU B 126 12.76 -16.14 -4.08
C LEU B 126 11.34 -16.18 -3.53
N HIS B 127 10.81 -15.00 -3.20
CA HIS B 127 9.50 -14.85 -2.58
C HIS B 127 9.30 -15.77 -1.38
N LEU B 128 10.35 -15.84 -0.55
CA LEU B 128 10.45 -16.79 0.55
C LEU B 128 9.29 -16.68 1.53
N TYR B 129 8.87 -15.45 1.78
CA TYR B 129 7.82 -15.18 2.74
C TYR B 129 6.50 -14.83 2.05
N GLY B 130 6.45 -15.07 0.74
CA GLY B 130 5.24 -14.90 -0.07
C GLY B 130 4.53 -13.57 0.08
N SER B 131 3.28 -13.61 0.54
CA SER B 131 2.45 -12.42 0.68
C SER B 131 2.64 -11.72 2.03
N HIS B 132 3.52 -12.26 2.87
CA HIS B 132 3.73 -11.71 4.22
C HIS B 132 4.76 -10.57 4.28
N VAL B 133 5.31 -10.19 3.12
CA VAL B 133 6.10 -8.95 3.02
C VAL B 133 5.44 -7.97 2.08
N LYS B 134 5.70 -6.68 2.31
CA LYS B 134 5.20 -5.62 1.45
C LYS B 134 5.91 -5.60 0.10
N ASP B 135 7.17 -6.02 0.08
CA ASP B 135 7.98 -6.02 -1.13
C ASP B 135 9.06 -7.09 -1.07
N PHE B 136 9.34 -7.71 -2.22
CA PHE B 136 10.46 -8.60 -2.37
C PHE B 136 11.43 -8.11 -3.46
N THR B 137 12.73 -8.16 -3.16
CA THR B 137 13.76 -7.87 -4.16
C THR B 137 14.84 -8.94 -4.15
N ASP B 138 15.07 -9.55 -5.30
CA ASP B 138 16.27 -10.37 -5.48
C ASP B 138 17.33 -9.48 -6.10
N MET B 139 18.37 -9.20 -5.33
CA MET B 139 19.42 -8.27 -5.76
C MET B 139 20.27 -8.84 -6.88
N ALA B 140 20.91 -7.95 -7.63
CA ALA B 140 21.94 -8.34 -8.59
C ALA B 140 23.12 -8.91 -7.83
N LEU B 141 23.87 -9.78 -8.52
CA LEU B 141 25.21 -10.14 -8.09
C LEU B 141 26.05 -8.86 -8.07
N PRO B 142 26.95 -8.72 -7.08
CA PRO B 142 27.71 -7.49 -6.88
C PRO B 142 28.45 -6.96 -8.12
N GLU B 143 28.25 -5.67 -8.39
CA GLU B 143 28.98 -4.92 -9.42
C GLU B 143 29.28 -3.52 -8.86
N ASN B 144 30.32 -2.86 -9.38
CA ASN B 144 30.68 -1.53 -8.88
C ASN B 144 30.76 -0.42 -9.93
N SER B 145 30.05 -0.61 -11.04
CA SER B 145 29.93 0.43 -12.06
C SER B 145 29.06 1.57 -11.54
N GLU B 146 29.14 2.73 -12.20
CA GLU B 146 28.39 3.93 -11.84
C GLU B 146 26.90 3.62 -11.67
N GLU B 147 26.34 2.93 -12.67
CA GLU B 147 24.96 2.45 -12.68
C GLU B 147 24.62 1.58 -11.48
N MET B 148 25.46 0.57 -11.21
CA MET B 148 25.13 -0.46 -10.24
C MET B 148 25.35 -0.03 -8.79
N LEU B 149 26.20 0.96 -8.59
CA LEU B 149 26.43 1.52 -7.26
C LEU B 149 25.27 2.44 -6.88
N ARG B 150 24.69 3.09 -7.89
CA ARG B 150 23.50 3.90 -7.72
C ARG B 150 22.29 3.00 -7.47
N TYR B 151 22.26 1.86 -8.15
CA TYR B 151 21.26 0.80 -7.97
C TYR B 151 21.22 0.29 -6.53
N ALA B 152 22.40 0.07 -5.96
CA ALA B 152 22.54 -0.42 -4.60
C ALA B 152 22.11 0.62 -3.57
N LYS B 153 22.46 1.89 -3.83
CA LYS B 153 22.03 3.00 -2.98
C LYS B 153 20.51 3.17 -3.03
N TRP B 154 19.97 3.16 -4.25
CA TRP B 154 18.55 3.35 -4.52
C TRP B 154 17.68 2.34 -3.77
N HIS B 155 18.08 1.08 -3.83
CA HIS B 155 17.36 -0.01 -3.17
C HIS B 155 17.40 0.05 -1.65
N GLY B 156 18.47 0.63 -1.09
CA GLY B 156 18.58 0.89 0.34
C GLY B 156 17.56 1.90 0.81
N SER B 157 17.42 3.00 0.07
CA SER B 157 16.47 4.05 0.38
C SER B 157 15.04 3.57 0.16
N ARG B 158 14.86 2.75 -0.87
CA ARG B 158 13.56 2.21 -1.24
C ARG B 158 13.02 1.24 -0.19
N ALA B 159 13.90 0.35 0.29
CA ALA B 159 13.55 -0.66 1.29
C ALA B 159 12.98 -0.04 2.54
N VAL B 160 13.68 0.95 3.08
CA VAL B 160 13.27 1.63 4.32
C VAL B 160 11.99 2.43 4.09
N ASP B 161 11.92 3.11 2.94
CA ASP B 161 10.77 3.96 2.61
C ASP B 161 9.45 3.20 2.52
N ILE B 162 9.47 2.08 1.80
CA ILE B 162 8.31 1.18 1.69
C ILE B 162 7.91 0.64 3.06
N ALA B 163 8.91 0.19 3.83
CA ALA B 163 8.69 -0.31 5.19
C ALA B 163 8.08 0.71 6.13
N MET B 164 8.48 1.99 5.98
CA MET B 164 8.02 3.05 6.88
C MET B 164 6.75 3.75 6.40
N LYS B 165 6.38 3.52 5.14
CA LYS B 165 5.15 4.09 4.58
C LYS B 165 3.95 3.32 5.13
N THR B 166 2.93 4.06 5.58
CA THR B 166 1.73 3.43 6.12
C THR B 166 0.87 2.85 4.98
N PRO B 167 0.40 1.58 5.14
CA PRO B 167 0.57 0.68 6.28
C PRO B 167 1.95 0.07 6.34
N ARG B 168 2.61 0.18 7.49
CA ARG B 168 3.99 -0.28 7.64
C ARG B 168 4.10 -1.81 7.59
N GLY B 169 5.32 -2.30 7.39
CA GLY B 169 5.51 -3.74 7.31
C GLY B 169 6.89 -4.16 6.86
N PRO B 170 7.16 -5.47 6.92
CA PRO B 170 8.46 -6.02 6.57
C PRO B 170 8.70 -6.03 5.07
N VAL B 171 9.96 -5.85 4.69
CA VAL B 171 10.38 -5.99 3.31
C VAL B 171 11.52 -6.99 3.26
N HIS B 172 11.57 -7.79 2.21
CA HIS B 172 12.59 -8.81 2.10
C HIS B 172 13.52 -8.53 0.92
N LEU B 173 14.82 -8.53 1.20
CA LEU B 173 15.83 -8.31 0.16
C LEU B 173 16.83 -9.47 0.19
N ASN B 174 16.94 -10.16 -0.92
CA ASN B 174 17.75 -11.38 -1.03
C ASN B 174 19.05 -11.12 -1.81
N PHE B 175 20.17 -11.51 -1.23
CA PHE B 175 21.51 -11.19 -1.77
C PHE B 175 22.29 -12.40 -2.25
N PRO B 176 22.30 -12.66 -3.57
CA PRO B 176 23.20 -13.69 -4.09
C PRO B 176 24.66 -13.22 -3.99
N LEU B 177 25.47 -14.00 -3.28
CA LEU B 177 26.86 -13.62 -3.02
C LEU B 177 27.83 -14.71 -3.47
N ARG B 178 28.77 -14.31 -4.32
CA ARG B 178 29.72 -15.24 -4.94
C ARG B 178 31.04 -15.25 -4.17
N GLU B 179 31.56 -16.46 -3.93
CA GLU B 179 32.85 -16.66 -3.25
C GLU B 179 34.04 -16.22 -4.11
N PRO B 180 35.12 -15.71 -3.48
CA PRO B 180 35.37 -15.52 -2.04
C PRO B 180 34.64 -14.32 -1.43
N LEU B 181 34.27 -14.45 -0.16
CA LEU B 181 33.39 -13.50 0.50
C LEU B 181 34.13 -12.64 1.52
N VAL B 182 35.28 -12.12 1.14
CA VAL B 182 36.11 -11.32 2.05
C VAL B 182 36.06 -9.83 1.67
N PRO B 183 35.36 -9.01 2.47
CA PRO B 183 35.37 -7.57 2.22
C PRO B 183 36.64 -6.92 2.74
N ILE B 184 37.06 -5.84 2.07
CA ILE B 184 38.22 -5.07 2.50
C ILE B 184 37.75 -4.01 3.49
N LEU B 185 38.27 -4.09 4.71
CA LEU B 185 37.79 -3.26 5.82
C LEU B 185 38.73 -2.10 6.18
N GLU B 186 40.01 -2.22 5.80
CA GLU B 186 40.97 -1.11 5.92
C GLU B 186 41.49 -0.65 4.54
N PRO B 187 41.27 0.64 4.19
CA PRO B 187 40.56 1.67 4.97
C PRO B 187 39.05 1.44 5.01
N SER B 188 38.38 2.08 5.96
CA SER B 188 36.93 1.95 6.15
C SER B 188 36.18 2.40 4.90
N PRO B 189 35.19 1.62 4.45
CA PRO B 189 34.35 1.98 3.31
C PRO B 189 33.37 3.12 3.63
N PHE B 190 33.26 3.48 4.91
CA PHE B 190 32.42 4.57 5.36
C PHE B 190 33.28 5.64 6.06
N THR B 191 34.17 6.27 5.29
CA THR B 191 35.10 7.28 5.81
C THR B 191 34.43 8.57 6.30
N TYR B 203 11.31 12.96 4.77
CA TYR B 203 10.08 13.64 4.39
C TYR B 203 8.85 12.95 4.98
N TYR B 204 8.11 13.68 5.80
CA TYR B 204 6.97 13.12 6.54
C TYR B 204 5.63 13.52 5.93
N THR B 205 4.80 12.51 5.65
CA THR B 205 3.48 12.72 5.06
C THR B 205 2.38 11.97 5.83
N HIS B 206 1.21 12.59 5.91
CA HIS B 206 0.03 11.95 6.49
C HIS B 206 -1.17 12.08 5.55
N GLU B 207 -2.16 11.20 5.72
CA GLU B 207 -3.33 11.17 4.85
C GLU B 207 -4.48 12.01 5.39
N VAL B 208 -5.12 12.77 4.50
CA VAL B 208 -6.07 13.82 4.87
C VAL B 208 -7.41 13.66 4.14
N LEU B 209 -8.50 13.73 4.89
CA LEU B 209 -9.85 13.75 4.33
C LEU B 209 -10.21 15.12 3.78
N ASP B 210 -11.01 15.14 2.71
CA ASP B 210 -11.43 16.39 2.07
C ASP B 210 -12.43 17.19 2.90
N ASP B 211 -12.63 18.45 2.51
CA ASP B 211 -13.48 19.40 3.24
C ASP B 211 -14.97 19.01 3.22
N SER B 212 -15.41 18.38 2.13
CA SER B 212 -16.77 17.87 2.02
C SER B 212 -16.94 16.61 2.86
N SER B 213 -15.88 15.79 2.90
CA SER B 213 -15.87 14.52 3.62
C SER B 213 -15.93 14.69 5.14
N ILE B 214 -15.16 15.64 5.65
CA ILE B 214 -15.13 15.94 7.10
C ILE B 214 -16.42 16.59 7.59
N GLN B 215 -17.09 17.32 6.69
CA GLN B 215 -18.36 17.96 7.02
C GLN B 215 -19.49 16.97 7.17
N LYS B 216 -19.55 15.97 6.28
CA LYS B 216 -20.60 14.95 6.29
C LYS B 216 -20.52 14.05 7.53
N MET B 217 -19.29 13.82 8.00
CA MET B 217 -19.06 13.03 9.21
C MET B 217 -19.42 13.81 10.48
N VAL B 218 -19.04 15.09 10.52
CA VAL B 218 -19.36 15.98 11.65
C VAL B 218 -20.88 16.15 11.82
N THR B 219 -21.58 16.36 10.71
CA THR B 219 -23.04 16.48 10.68
C THR B 219 -23.72 15.17 11.07
N GLU B 220 -23.11 14.04 10.71
CA GLU B 220 -23.66 12.71 10.95
C GLU B 220 -23.81 12.35 12.43
N CYS B 221 -22.83 12.77 13.24
CA CYS B 221 -22.85 12.45 14.67
C CYS B 221 -22.69 13.68 15.56
N THR B 222 -23.30 14.79 15.14
CA THR B 222 -23.22 16.05 15.88
C THR B 222 -23.96 16.05 17.22
N GLY B 223 -25.05 15.29 17.29
CA GLY B 223 -25.84 15.19 18.51
C GLY B 223 -26.39 13.79 18.66
N LYS B 224 -25.47 12.82 18.69
CA LYS B 224 -25.82 11.41 18.77
C LYS B 224 -25.08 10.72 19.93
N LYS B 225 -25.70 9.68 20.47
CA LYS B 225 -25.11 8.91 21.57
C LYS B 225 -23.99 8.02 21.05
N GLY B 226 -22.74 8.42 21.33
CA GLY B 226 -21.59 7.78 20.72
C GLY B 226 -20.58 7.14 21.64
N VAL B 227 -19.79 6.23 21.06
CA VAL B 227 -18.80 5.46 21.79
C VAL B 227 -17.48 5.40 21.01
N PHE B 228 -16.39 5.76 21.66
CA PHE B 228 -15.05 5.49 21.12
C PHE B 228 -14.64 4.09 21.53
N VAL B 229 -14.14 3.32 20.57
CA VAL B 229 -13.59 1.99 20.85
C VAL B 229 -12.14 1.98 20.39
N VAL B 230 -11.21 1.91 21.34
CA VAL B 230 -9.79 1.94 21.01
C VAL B 230 -9.13 0.63 21.42
N GLY B 231 -8.79 -0.18 20.42
CA GLY B 231 -8.02 -1.40 20.66
C GLY B 231 -6.54 -1.10 20.67
N PRO B 232 -5.69 -2.14 20.54
CA PRO B 232 -4.23 -1.96 20.48
C PRO B 232 -3.81 -1.02 19.35
N ILE B 233 -3.04 0.02 19.71
CA ILE B 233 -2.61 1.02 18.75
C ILE B 233 -1.15 1.40 18.96
N ASP B 234 -0.41 1.49 17.86
CA ASP B 234 1.03 1.76 17.89
C ASP B 234 1.33 3.22 18.20
N LYS B 235 0.75 4.12 17.38
CA LYS B 235 1.04 5.57 17.37
C LYS B 235 1.17 6.26 18.73
N LYS B 236 2.28 6.99 18.89
CA LYS B 236 2.61 7.67 20.14
C LYS B 236 1.79 8.92 20.39
N GLU B 237 1.75 9.33 21.67
CA GLU B 237 1.04 10.52 22.18
C GLU B 237 -0.33 10.84 21.55
N LEU B 238 -1.14 9.79 21.40
CA LEU B 238 -2.50 9.90 20.88
C LEU B 238 -3.47 9.88 22.07
N GLU B 239 -2.92 9.60 23.25
CA GLU B 239 -3.69 9.40 24.49
C GLU B 239 -4.52 10.62 24.85
N GLN B 240 -3.83 11.74 25.09
CA GLN B 240 -4.47 12.98 25.55
C GLN B 240 -5.49 13.61 24.58
N PRO B 241 -5.18 13.70 23.26
CA PRO B 241 -6.22 14.27 22.37
C PRO B 241 -7.48 13.42 22.22
N MET B 242 -7.35 12.10 22.41
CA MET B 242 -8.48 11.18 22.42
C MET B 242 -9.37 11.45 23.64
N VAL B 243 -8.74 11.60 24.80
CA VAL B 243 -9.41 11.91 26.05
C VAL B 243 -10.19 13.22 25.96
N ASP B 244 -9.53 14.25 25.43
CA ASP B 244 -10.10 15.59 25.32
C ASP B 244 -11.29 15.68 24.38
N LEU B 245 -11.26 14.91 23.29
CA LEU B 245 -12.37 14.86 22.34
C LEU B 245 -13.60 14.18 22.94
N ALA B 246 -13.36 13.10 23.69
CA ALA B 246 -14.43 12.35 24.34
C ALA B 246 -15.02 13.11 25.53
N LYS B 247 -14.19 13.92 26.17
CA LYS B 247 -14.61 14.80 27.26
C LYS B 247 -15.46 15.94 26.70
N LYS B 248 -15.11 16.39 25.50
CA LYS B 248 -15.85 17.41 24.78
C LYS B 248 -17.19 16.90 24.28
N LEU B 249 -17.17 15.70 23.70
CA LEU B 249 -18.36 15.10 23.10
C LEU B 249 -19.31 14.47 24.12
N GLY B 250 -18.79 14.14 25.30
CA GLY B 250 -19.57 13.44 26.32
C GLY B 250 -19.75 11.97 25.98
N TRP B 251 -18.68 11.38 25.43
CA TRP B 251 -18.69 10.00 24.96
C TRP B 251 -17.73 9.14 25.78
N PRO B 252 -18.09 7.87 26.04
CA PRO B 252 -17.16 6.94 26.68
C PRO B 252 -16.03 6.46 25.75
N ILE B 253 -14.89 6.09 26.33
CA ILE B 253 -13.83 5.41 25.57
C ILE B 253 -13.65 4.00 26.09
N LEU B 254 -14.15 3.03 25.31
CA LEU B 254 -13.89 1.62 25.59
C LEU B 254 -12.45 1.33 25.17
N ALA B 255 -11.55 1.42 26.15
CA ALA B 255 -10.11 1.39 25.89
C ALA B 255 -9.48 0.06 26.27
N ASP B 256 -8.71 -0.48 25.34
CA ASP B 256 -7.95 -1.71 25.53
C ASP B 256 -6.79 -1.45 26.49
N PRO B 257 -6.30 -2.50 27.18
CA PRO B 257 -5.04 -2.38 27.95
C PRO B 257 -3.82 -2.03 27.07
N LEU B 258 -3.90 -2.35 25.79
CA LEU B 258 -2.81 -2.12 24.84
C LEU B 258 -3.01 -0.83 24.05
N SER B 259 -4.07 -0.10 24.36
CA SER B 259 -4.33 1.19 23.73
C SER B 259 -3.47 2.30 24.34
N GLY B 260 -3.01 2.10 25.58
CA GLY B 260 -2.20 3.09 26.30
C GLY B 260 -3.02 4.02 27.16
N LEU B 261 -4.33 4.09 26.88
CA LEU B 261 -5.28 4.94 27.62
C LEU B 261 -5.59 4.40 29.01
N ARG B 262 -5.09 3.20 29.30
CA ARG B 262 -5.25 2.57 30.59
C ARG B 262 -4.13 3.00 31.54
N SER B 263 -3.08 3.58 30.99
CA SER B 263 -1.91 3.99 31.76
C SER B 263 -1.06 5.01 31.00
N TYR B 264 -1.57 6.24 30.90
CA TYR B 264 -0.84 7.32 30.22
C TYR B 264 -0.35 8.40 31.20
N GLY B 265 -0.58 8.19 32.49
CA GLY B 265 -0.07 9.07 33.54
C GLY B 265 -1.10 10.00 34.15
N ALA B 266 -2.38 9.70 33.93
CA ALA B 266 -3.49 10.48 34.50
C ALA B 266 -4.75 9.64 34.66
N LEU B 267 -5.48 9.88 35.74
CA LEU B 267 -6.81 9.30 35.94
C LEU B 267 -7.85 10.05 35.11
N ASP B 268 -9.02 9.43 34.94
CA ASP B 268 -9.99 9.93 33.99
C ASP B 268 -11.44 9.68 34.41
N GLU B 269 -12.36 10.20 33.60
CA GLU B 269 -13.79 9.98 33.78
C GLU B 269 -14.45 9.58 32.46
N VAL B 270 -13.64 9.52 31.40
CA VAL B 270 -14.11 9.12 30.07
C VAL B 270 -13.61 7.74 29.62
N VAL B 271 -12.44 7.34 30.12
CA VAL B 271 -11.89 6.01 29.84
C VAL B 271 -12.62 4.99 30.71
N ILE B 272 -13.22 4.01 30.04
CA ILE B 272 -13.93 2.93 30.73
C ILE B 272 -13.27 1.58 30.43
N ASP B 273 -12.99 0.84 31.51
CA ASP B 273 -12.13 -0.35 31.43
C ASP B 273 -12.76 -1.61 32.02
N GLN B 274 -14.07 -1.60 32.22
CA GLN B 274 -14.77 -2.72 32.83
C GLN B 274 -15.79 -3.36 31.89
N TYR B 275 -15.79 -2.91 30.64
CA TYR B 275 -16.70 -3.39 29.59
C TYR B 275 -16.64 -4.91 29.38
N ASP B 276 -15.47 -5.49 29.65
CA ASP B 276 -15.26 -6.94 29.55
C ASP B 276 -16.16 -7.69 30.54
N ALA B 277 -16.45 -7.06 31.66
CA ALA B 277 -17.29 -7.66 32.69
C ALA B 277 -18.79 -7.50 32.45
N PHE B 278 -19.25 -6.27 32.24
CA PHE B 278 -20.69 -5.99 32.23
C PHE B 278 -21.43 -6.16 30.90
N LEU B 279 -20.70 -6.24 29.80
CA LEU B 279 -21.31 -6.49 28.49
C LEU B 279 -21.58 -7.97 28.26
N LYS B 280 -21.17 -8.79 29.23
CA LYS B 280 -21.56 -10.21 29.30
C LYS B 280 -23.03 -10.29 29.69
N GLU B 281 -23.47 -9.34 30.51
CA GLU B 281 -24.87 -9.25 30.96
C GLU B 281 -25.74 -8.63 29.86
N ALA B 282 -26.71 -9.40 29.39
CA ALA B 282 -27.54 -9.03 28.23
C ALA B 282 -28.52 -7.87 28.48
N GLU B 283 -28.80 -7.59 29.75
CA GLU B 283 -29.68 -6.48 30.13
C GLU B 283 -28.95 -5.14 29.98
N ILE B 284 -27.62 -5.19 30.08
CA ILE B 284 -26.76 -4.01 29.94
C ILE B 284 -26.39 -3.78 28.47
N ILE B 285 -26.37 -4.88 27.70
CA ILE B 285 -26.22 -4.86 26.24
C ILE B 285 -27.30 -3.96 25.60
N ASP B 286 -28.55 -4.21 26.01
CA ASP B 286 -29.72 -3.49 25.50
C ASP B 286 -29.77 -2.04 25.98
N LYS B 287 -29.38 -1.83 27.24
CA LYS B 287 -29.42 -0.51 27.87
C LYS B 287 -28.43 0.48 27.27
N LEU B 288 -27.23 0.00 26.96
CA LEU B 288 -26.13 0.86 26.51
C LEU B 288 -25.96 0.93 24.99
N THR B 289 -27.06 0.70 24.27
CA THR B 289 -27.06 0.69 22.80
C THR B 289 -26.79 2.09 22.25
N PRO B 290 -25.68 2.26 21.50
CA PRO B 290 -25.30 3.55 20.96
C PRO B 290 -25.94 3.84 19.60
N GLU B 291 -25.70 5.05 19.09
CA GLU B 291 -26.16 5.44 17.77
C GLU B 291 -24.97 5.50 16.80
N VAL B 292 -23.81 5.87 17.34
CA VAL B 292 -22.57 5.93 16.56
C VAL B 292 -21.41 5.25 17.29
N VAL B 293 -20.67 4.44 16.56
CA VAL B 293 -19.47 3.80 17.08
C VAL B 293 -18.30 4.23 16.20
N ILE B 294 -17.23 4.70 16.83
CA ILE B 294 -16.01 5.01 16.10
C ILE B 294 -14.81 4.27 16.69
N ARG B 295 -14.16 3.47 15.85
CA ARG B 295 -13.05 2.61 16.25
C ARG B 295 -11.67 3.17 15.92
N PHE B 296 -10.70 2.86 16.77
CA PHE B 296 -9.29 3.20 16.55
C PHE B 296 -8.42 1.99 16.84
N GLY B 297 -7.32 1.85 16.10
CA GLY B 297 -6.38 0.74 16.26
C GLY B 297 -6.95 -0.62 15.86
N SER B 298 -6.26 -1.69 16.26
CA SER B 298 -6.73 -3.06 16.01
C SER B 298 -7.97 -3.39 16.82
N MET B 299 -8.49 -4.60 16.65
CA MET B 299 -9.62 -5.06 17.46
C MET B 299 -9.18 -5.34 18.89
N PRO B 300 -10.01 -4.94 19.87
CA PRO B 300 -9.73 -5.18 21.29
C PRO B 300 -9.72 -6.66 21.65
N VAL B 301 -9.08 -6.98 22.76
CA VAL B 301 -8.89 -8.38 23.18
C VAL B 301 -10.16 -9.02 23.76
N SER B 302 -11.15 -8.19 24.09
CA SER B 302 -12.38 -8.66 24.73
C SER B 302 -13.32 -9.36 23.75
N LYS B 303 -13.58 -10.63 24.01
CA LYS B 303 -14.59 -11.38 23.26
C LYS B 303 -16.05 -10.94 23.56
N PRO B 304 -16.36 -10.55 24.82
CA PRO B 304 -17.67 -9.90 25.04
C PRO B 304 -17.88 -8.59 24.29
N LEU B 305 -16.83 -7.79 24.13
CA LEU B 305 -16.95 -6.53 23.37
C LEU B 305 -17.09 -6.77 21.85
N LYS B 306 -16.40 -7.80 21.34
CA LYS B 306 -16.55 -8.23 19.95
C LYS B 306 -18.00 -8.63 19.66
N ASN B 307 -18.56 -9.47 20.55
CA ASN B 307 -19.93 -9.93 20.43
C ASN B 307 -20.97 -8.82 20.56
N TRP B 308 -20.70 -7.85 21.44
CA TRP B 308 -21.59 -6.71 21.62
C TRP B 308 -21.63 -5.82 20.39
N LEU B 309 -20.45 -5.50 19.86
CA LEU B 309 -20.30 -4.65 18.68
C LEU B 309 -20.86 -5.29 17.40
N GLU B 310 -20.74 -6.62 17.31
CA GLU B 310 -21.31 -7.38 16.19
C GLU B 310 -22.84 -7.42 16.26
N GLN B 311 -23.37 -7.48 17.48
CA GLN B 311 -24.81 -7.62 17.73
C GLN B 311 -25.60 -6.36 17.36
N LEU B 312 -25.07 -5.20 17.72
CA LEU B 312 -25.77 -3.93 17.49
C LEU B 312 -25.90 -3.58 16.01
N SER B 313 -27.13 -3.27 15.60
CA SER B 313 -27.47 -3.07 14.19
C SER B 313 -28.18 -1.74 13.94
N ASP B 314 -28.22 -1.33 12.67
CA ASP B 314 -28.81 -0.08 12.19
C ASP B 314 -28.13 1.18 12.78
N ILE B 315 -26.82 1.06 13.03
CA ILE B 315 -26.00 2.14 13.60
C ILE B 315 -24.97 2.62 12.57
N ARG B 316 -24.33 3.74 12.85
CA ARG B 316 -23.15 4.15 12.08
C ARG B 316 -21.90 3.62 12.76
N PHE B 317 -21.12 2.84 12.01
CA PHE B 317 -19.91 2.21 12.54
C PHE B 317 -18.70 2.69 11.74
N TYR B 318 -17.96 3.62 12.33
CA TYR B 318 -16.72 4.12 11.75
C TYR B 318 -15.56 3.30 12.27
N VAL B 319 -14.67 2.90 11.37
CA VAL B 319 -13.34 2.42 11.77
C VAL B 319 -12.26 3.25 11.08
N VAL B 320 -11.32 3.74 11.89
CA VAL B 320 -10.25 4.58 11.38
C VAL B 320 -9.05 3.68 11.08
N ASP B 321 -8.75 3.53 9.80
CA ASP B 321 -7.68 2.67 9.32
C ASP B 321 -6.92 3.40 8.22
N PRO B 322 -5.82 4.09 8.58
CA PRO B 322 -5.02 4.89 7.64
C PRO B 322 -4.35 4.09 6.52
N GLY B 323 -4.13 2.80 6.76
CA GLY B 323 -3.43 1.94 5.80
C GLY B 323 -4.28 1.05 4.93
N ALA B 324 -5.60 1.04 5.15
CA ALA B 324 -6.55 0.17 4.44
C ALA B 324 -6.26 -1.33 4.61
N ALA B 325 -5.91 -1.72 5.82
CA ALA B 325 -5.68 -3.13 6.16
C ALA B 325 -6.99 -3.90 6.34
N TRP B 326 -8.08 -3.16 6.54
CA TRP B 326 -9.45 -3.69 6.69
C TRP B 326 -9.57 -4.71 7.82
N LYS B 327 -9.04 -4.34 8.99
CA LYS B 327 -9.11 -5.21 10.15
C LYS B 327 -10.48 -5.03 10.82
N ASP B 328 -11.45 -5.82 10.35
CA ASP B 328 -12.81 -5.82 10.89
C ASP B 328 -13.40 -7.24 10.86
N PRO B 329 -13.07 -8.06 11.87
CA PRO B 329 -13.49 -9.46 11.90
C PRO B 329 -14.98 -9.72 12.19
N ILE B 330 -15.72 -8.66 12.50
CA ILE B 330 -17.16 -8.79 12.76
C ILE B 330 -18.02 -8.17 11.65
N LYS B 331 -17.36 -7.71 10.59
CA LYS B 331 -17.98 -7.08 9.39
C LYS B 331 -18.95 -5.95 9.72
N ALA B 332 -18.64 -5.19 10.77
CA ALA B 332 -19.57 -4.19 11.29
C ALA B 332 -19.52 -2.85 10.58
N VAL B 333 -18.42 -2.58 9.88
CA VAL B 333 -18.14 -1.28 9.25
C VAL B 333 -19.27 -0.77 8.33
N THR B 334 -19.65 0.49 8.54
CA THR B 334 -20.58 1.18 7.65
C THR B 334 -19.80 2.24 6.85
N ASP B 335 -18.90 2.92 7.54
CA ASP B 335 -18.07 3.96 6.96
C ASP B 335 -16.60 3.73 7.28
N MET B 336 -15.81 3.40 6.26
CA MET B 336 -14.39 3.10 6.42
C MET B 336 -13.55 4.35 6.13
N ILE B 337 -12.79 4.78 7.14
CA ILE B 337 -12.08 6.06 7.09
C ILE B 337 -10.56 5.86 7.00
N HIS B 338 -9.97 6.35 5.90
CA HIS B 338 -8.55 6.15 5.64
C HIS B 338 -7.67 7.38 5.87
N CYS B 339 -7.78 7.98 7.04
CA CYS B 339 -6.92 9.10 7.38
C CYS B 339 -6.13 8.83 8.67
N ASP B 340 -5.13 9.68 8.90
CA ASP B 340 -4.30 9.64 10.11
C ASP B 340 -5.17 9.90 11.33
N GLU B 341 -4.88 9.18 12.41
CA GLU B 341 -5.68 9.27 13.64
C GLU B 341 -5.53 10.61 14.34
N ARG B 342 -4.30 11.12 14.40
CA ARG B 342 -4.02 12.45 14.95
C ARG B 342 -4.80 13.55 14.24
N PHE B 343 -4.74 13.53 12.91
CA PHE B 343 -5.49 14.47 12.07
C PHE B 343 -6.99 14.37 12.32
N LEU B 344 -7.48 13.14 12.44
CA LEU B 344 -8.90 12.85 12.68
C LEU B 344 -9.38 13.39 14.03
N LEU B 345 -8.55 13.22 15.06
CA LEU B 345 -8.85 13.73 16.40
C LEU B 345 -8.79 15.26 16.43
N ASP B 346 -7.80 15.84 15.75
CA ASP B 346 -7.60 17.30 15.72
C ASP B 346 -8.70 18.03 14.94
N ILE B 347 -9.17 17.42 13.85
CA ILE B 347 -10.21 18.02 13.01
C ILE B 347 -11.61 17.89 13.64
N MET B 348 -11.76 16.91 14.54
CA MET B 348 -13.00 16.74 15.29
C MET B 348 -13.00 17.59 16.56
N GLN B 349 -11.81 17.88 17.07
CA GLN B 349 -11.63 18.85 18.16
C GLN B 349 -11.87 20.28 17.68
N GLN B 350 -12.02 20.43 16.36
CA GLN B 350 -12.23 21.72 15.73
C GLN B 350 -13.68 21.96 15.34
N ASN B 351 -14.29 21.02 14.62
CA ASN B 351 -15.59 21.26 13.97
C ASN B 351 -16.85 20.80 14.72
N MET B 352 -16.69 19.85 15.64
CA MET B 352 -17.81 19.36 16.46
C MET B 352 -18.19 20.39 17.52
N PRO B 353 -19.50 20.52 17.83
CA PRO B 353 -19.96 21.48 18.86
C PRO B 353 -19.52 21.12 20.29
N ASP B 354 -19.04 22.11 21.03
CA ASP B 354 -18.59 21.95 22.41
C ASP B 354 -19.75 21.82 23.40
N ASP B 355 -20.83 22.55 23.12
CA ASP B 355 -21.99 22.65 24.02
C ASP B 355 -22.87 21.42 24.00
N ALA B 356 -22.84 20.68 22.89
CA ALA B 356 -23.66 19.50 22.70
C ALA B 356 -23.18 18.32 23.54
N LYS B 357 -23.84 18.12 24.68
CA LYS B 357 -23.52 17.02 25.60
C LYS B 357 -24.77 16.50 26.31
N ASP B 358 -24.84 15.18 26.45
CA ASP B 358 -25.87 14.53 27.26
C ASP B 358 -25.22 13.88 28.48
N ALA B 359 -25.70 14.24 29.67
CA ALA B 359 -25.14 13.74 30.92
C ALA B 359 -25.42 12.25 31.11
N ALA B 360 -26.67 11.84 30.87
CA ALA B 360 -27.14 10.47 31.09
C ALA B 360 -26.43 9.40 30.26
N TRP B 361 -25.82 9.82 29.15
CA TRP B 361 -25.03 8.92 28.31
C TRP B 361 -23.68 8.58 28.94
N LEU B 362 -22.88 9.60 29.27
CA LEU B 362 -21.57 9.38 29.90
C LEU B 362 -21.72 8.84 31.33
N ASN B 363 -22.67 9.42 32.08
CA ASN B 363 -22.95 8.98 33.45
C ASN B 363 -23.43 7.53 33.48
N GLY B 364 -24.25 7.15 32.50
CA GLY B 364 -24.73 5.78 32.34
C GLY B 364 -23.61 4.75 32.19
N TRP B 365 -22.61 5.09 31.38
CA TRP B 365 -21.45 4.23 31.16
C TRP B 365 -20.52 4.15 32.37
N THR B 366 -20.29 5.27 33.04
CA THR B 366 -19.45 5.31 34.24
C THR B 366 -20.13 4.70 35.47
N SER B 367 -21.47 4.62 35.45
CA SER B 367 -22.24 3.95 36.49
C SER B 367 -21.88 2.47 36.57
N TYR B 368 -21.92 1.79 35.43
CA TYR B 368 -21.56 0.38 35.35
C TYR B 368 -20.06 0.15 35.47
N ASN B 369 -19.27 1.15 35.09
CA ASN B 369 -17.81 1.09 35.20
C ASN B 369 -17.33 1.05 36.64
N LYS B 370 -17.90 1.93 37.48
CA LYS B 370 -17.53 2.00 38.88
C LYS B 370 -18.10 0.85 39.70
N VAL B 371 -19.32 0.43 39.37
CA VAL B 371 -19.97 -0.72 40.02
C VAL B 371 -19.16 -2.01 39.84
N ALA B 372 -18.70 -2.24 38.61
CA ALA B 372 -17.87 -3.41 38.30
C ALA B 372 -16.45 -3.31 38.88
N ARG B 373 -15.98 -2.07 39.09
CA ARG B 373 -14.69 -1.82 39.74
C ARG B 373 -14.70 -2.16 41.22
N GLU B 374 -15.85 -1.96 41.87
CA GLU B 374 -16.03 -2.30 43.28
C GLU B 374 -15.91 -3.81 43.50
N ILE B 375 -16.53 -4.58 42.61
CA ILE B 375 -16.53 -6.05 42.65
C ILE B 375 -15.12 -6.62 42.55
N VAL B 376 -14.32 -6.05 41.63
CA VAL B 376 -12.93 -6.47 41.41
C VAL B 376 -12.03 -6.11 42.60
N LEU B 377 -12.21 -4.90 43.15
CA LEU B 377 -11.47 -4.44 44.33
C LEU B 377 -11.82 -5.25 45.59
N ALA B 378 -13.07 -5.68 45.69
CA ALA B 378 -13.52 -6.56 46.77
C ALA B 378 -12.97 -7.99 46.59
N GLU B 379 -12.82 -8.42 45.34
CA GLU B 379 -12.22 -9.72 45.01
C GLU B 379 -10.74 -9.78 45.35
N MET B 380 -10.06 -8.64 45.21
CA MET B 380 -8.64 -8.53 45.58
C MET B 380 -8.44 -8.07 47.03
N ALA B 381 -9.54 -8.01 47.79
CA ALA B 381 -9.50 -7.65 49.20
C ALA B 381 -9.45 -8.88 50.11
N ASN B 382 -10.16 -9.94 49.72
CA ASN B 382 -10.24 -11.16 50.54
C ASN B 382 -9.67 -12.42 49.87
N THR B 383 -8.64 -12.24 49.05
CA THR B 383 -7.87 -13.36 48.50
C THR B 383 -6.37 -13.12 48.73
N THR B 384 -5.83 -13.82 49.73
CA THR B 384 -4.40 -13.72 50.05
C THR B 384 -3.56 -14.64 49.15
N ILE B 385 -4.22 -15.61 48.53
CA ILE B 385 -3.57 -16.53 47.60
C ILE B 385 -3.32 -15.83 46.27
N LEU B 386 -2.16 -16.07 45.67
CA LEU B 386 -1.82 -15.50 44.37
C LEU B 386 -2.61 -16.16 43.25
N GLU B 387 -3.78 -15.60 42.95
CA GLU B 387 -4.59 -15.97 41.80
C GLU B 387 -3.99 -15.30 40.57
N GLU B 388 -4.33 -15.81 39.38
CA GLU B 388 -3.87 -15.26 38.12
C GLU B 388 -4.19 -13.77 37.95
N GLY B 389 -5.39 -13.37 38.39
CA GLY B 389 -5.82 -11.98 38.36
C GLY B 389 -5.28 -11.12 39.48
N LYS B 390 -4.78 -11.76 40.53
CA LYS B 390 -4.20 -11.05 41.67
C LYS B 390 -2.78 -10.59 41.33
N ILE B 391 -2.11 -11.35 40.47
CA ILE B 391 -0.76 -11.00 39.97
C ILE B 391 -0.82 -9.68 39.19
N VAL B 392 -1.81 -9.56 38.31
CA VAL B 392 -2.04 -8.36 37.49
C VAL B 392 -2.28 -7.12 38.37
N ALA B 393 -3.17 -7.26 39.35
CA ALA B 393 -3.52 -6.17 40.27
C ALA B 393 -2.33 -5.75 41.13
N GLU B 394 -1.53 -6.73 41.56
CA GLU B 394 -0.30 -6.47 42.29
C GLU B 394 0.77 -5.84 41.40
N LEU B 395 0.78 -6.23 40.14
CA LEU B 395 1.71 -5.67 39.15
C LEU B 395 1.36 -4.23 38.83
N ARG B 396 0.06 -3.94 38.78
CA ARG B 396 -0.44 -2.57 38.57
C ARG B 396 0.04 -1.61 39.66
N ARG B 397 0.04 -2.10 40.90
CA ARG B 397 0.45 -1.30 42.06
C ARG B 397 1.98 -1.14 42.14
N LEU B 398 2.70 -2.25 41.97
CA LEU B 398 4.14 -2.30 42.20
C LEU B 398 5.01 -1.64 41.14
N LEU B 399 4.46 -1.44 39.94
CA LEU B 399 5.21 -0.89 38.81
C LEU B 399 5.60 0.58 39.02
N PRO B 400 6.82 0.97 38.58
CA PRO B 400 7.28 2.36 38.63
C PRO B 400 6.46 3.30 37.74
N ASP B 401 6.63 4.61 37.96
CA ASP B 401 5.86 5.65 37.28
C ASP B 401 6.15 5.77 35.78
N LYS B 402 7.30 5.23 35.34
CA LYS B 402 7.60 5.05 33.92
C LYS B 402 8.30 3.72 33.68
N ALA B 403 7.52 2.74 33.20
CA ALA B 403 8.02 1.38 32.96
C ALA B 403 7.32 0.73 31.77
N GLY B 404 7.88 -0.39 31.32
CA GLY B 404 7.28 -1.17 30.22
C GLY B 404 6.82 -2.54 30.65
N LEU B 405 5.72 -3.01 30.08
CA LEU B 405 5.18 -4.34 30.37
C LEU B 405 4.77 -5.08 29.10
N PHE B 406 5.48 -6.16 28.80
CA PHE B 406 5.10 -7.04 27.70
C PHE B 406 4.16 -8.13 28.22
N ILE B 407 3.06 -8.34 27.50
CA ILE B 407 2.03 -9.29 27.91
C ILE B 407 1.97 -10.45 26.94
N GLY B 408 1.94 -11.67 27.47
CA GLY B 408 1.83 -12.89 26.68
C GLY B 408 0.44 -13.09 26.10
N ASN B 409 0.34 -13.95 25.08
CA ASN B 409 -0.89 -14.11 24.30
C ASN B 409 -1.89 -15.14 24.79
N SER B 410 -1.55 -15.88 25.84
CA SER B 410 -2.43 -16.89 26.40
C SER B 410 -3.49 -16.25 27.32
N MET B 411 -3.41 -16.59 28.61
CA MET B 411 -4.28 -15.99 29.63
C MET B 411 -3.88 -14.61 30.16
N PRO B 412 -2.56 -14.26 30.17
CA PRO B 412 -2.16 -12.93 30.66
C PRO B 412 -2.85 -11.70 30.02
N ILE B 413 -3.16 -11.75 28.73
CA ILE B 413 -3.91 -10.66 28.07
C ILE B 413 -5.37 -10.59 28.52
N ARG B 414 -5.96 -11.75 28.81
CA ARG B 414 -7.34 -11.84 29.29
C ARG B 414 -7.47 -11.33 30.72
N ASP B 415 -6.49 -11.67 31.56
CA ASP B 415 -6.48 -11.27 32.96
C ASP B 415 -6.08 -9.80 33.14
N VAL B 416 -5.32 -9.26 32.19
CA VAL B 416 -4.96 -7.84 32.21
C VAL B 416 -6.14 -6.97 31.72
N ASP B 417 -7.07 -7.59 31.00
CA ASP B 417 -8.25 -6.89 30.51
C ASP B 417 -9.30 -6.77 31.61
N THR B 418 -9.28 -7.69 32.56
CA THR B 418 -10.26 -7.71 33.64
C THR B 418 -9.72 -7.01 34.89
N TYR B 419 -8.46 -7.27 35.23
CA TYR B 419 -7.91 -6.88 36.53
C TYR B 419 -6.92 -5.70 36.49
N PHE B 420 -6.79 -5.06 35.33
CA PHE B 420 -5.97 -3.85 35.21
C PHE B 420 -6.88 -2.71 34.80
N SER B 421 -7.37 -1.98 35.79
CA SER B 421 -8.10 -0.73 35.56
C SER B 421 -7.10 0.41 35.36
N GLN B 422 -7.61 1.61 35.08
CA GLN B 422 -6.77 2.77 34.80
C GLN B 422 -5.96 3.26 36.01
N ILE B 423 -4.67 3.47 35.79
CA ILE B 423 -3.77 4.00 36.80
C ILE B 423 -3.23 5.36 36.32
N ASP B 424 -2.73 6.17 37.25
CA ASP B 424 -2.15 7.48 36.92
C ASP B 424 -0.64 7.43 36.69
N LYS B 425 -0.16 6.28 36.23
CA LYS B 425 1.26 6.07 35.92
C LYS B 425 1.42 5.84 34.42
N LYS B 426 2.56 6.24 33.87
CA LYS B 426 2.87 6.01 32.46
C LYS B 426 3.47 4.61 32.27
N ILE B 427 2.65 3.67 31.81
CA ILE B 427 3.12 2.31 31.54
C ILE B 427 2.86 1.92 30.08
N LYS B 428 3.95 1.70 29.35
CA LYS B 428 3.85 1.18 27.98
C LYS B 428 3.53 -0.31 28.01
N MET B 429 2.39 -0.66 27.42
CA MET B 429 1.99 -2.06 27.33
C MET B 429 2.07 -2.58 25.90
N LEU B 430 2.73 -3.73 25.76
CA LEU B 430 3.04 -4.31 24.45
C LEU B 430 2.69 -5.79 24.38
N ALA B 431 2.25 -6.23 23.20
CA ALA B 431 1.95 -7.64 22.92
C ALA B 431 1.92 -7.87 21.41
N ASN B 432 2.30 -9.07 20.99
CA ASN B 432 2.14 -9.49 19.60
C ASN B 432 0.68 -9.85 19.35
N ARG B 433 -0.07 -8.91 18.76
CA ARG B 433 -1.52 -9.07 18.61
C ARG B 433 -2.01 -9.12 17.16
N GLY B 434 -1.07 -9.23 16.22
CA GLY B 434 -1.42 -9.37 14.81
C GLY B 434 -1.91 -10.77 14.49
N ALA B 435 -0.97 -11.70 14.42
CA ALA B 435 -1.28 -13.11 14.23
C ALA B 435 -1.25 -13.84 15.56
N ASN B 436 -1.07 -13.07 16.64
CA ASN B 436 -0.89 -13.57 18.01
C ASN B 436 0.21 -14.64 18.13
N GLY B 437 -0.17 -15.82 18.62
CA GLY B 437 0.78 -16.92 18.75
C GLY B 437 1.50 -16.90 20.08
N ILE B 438 1.93 -18.08 20.51
CA ILE B 438 2.59 -18.25 21.80
C ILE B 438 4.12 -18.24 21.66
N ASP B 439 4.59 -17.94 20.44
CA ASP B 439 6.03 -18.01 20.11
C ASP B 439 6.72 -16.64 20.10
N GLY B 440 8.01 -16.65 20.46
CA GLY B 440 8.87 -15.47 20.35
C GLY B 440 8.63 -14.28 21.25
N VAL B 441 7.82 -14.46 22.29
CA VAL B 441 7.40 -13.39 23.19
C VAL B 441 8.55 -12.93 24.14
N VAL B 442 9.43 -13.87 24.50
CA VAL B 442 10.61 -13.55 25.32
C VAL B 442 11.58 -12.61 24.59
N SER B 443 11.99 -12.99 23.38
CA SER B 443 12.84 -12.16 22.53
C SER B 443 12.24 -10.80 22.18
N SER B 444 10.92 -10.77 22.01
CA SER B 444 10.18 -9.54 21.74
C SER B 444 10.20 -8.58 22.92
N ALA B 445 10.18 -9.14 24.13
CA ALA B 445 10.31 -8.36 25.36
C ALA B 445 11.72 -7.80 25.49
N LEU B 446 12.73 -8.63 25.19
CA LEU B 446 14.13 -8.21 25.19
C LEU B 446 14.43 -7.11 24.18
N GLY B 447 13.81 -7.21 23.01
CA GLY B 447 13.96 -6.19 21.96
C GLY B 447 13.37 -4.87 22.39
N ALA B 448 12.21 -4.93 23.03
CA ALA B 448 11.53 -3.75 23.55
C ALA B 448 12.22 -3.18 24.79
N SER B 449 13.05 -4.00 25.44
CA SER B 449 13.79 -3.58 26.65
C SER B 449 14.95 -2.63 26.35
N VAL B 450 15.31 -2.52 25.07
CA VAL B 450 16.30 -1.55 24.60
C VAL B 450 15.71 -0.14 24.68
N VAL B 451 14.40 -0.05 24.46
CA VAL B 451 13.71 1.24 24.42
C VAL B 451 13.15 1.66 25.78
N PHE B 452 12.30 0.84 26.38
CA PHE B 452 11.65 1.20 27.65
C PHE B 452 12.29 0.48 28.84
N GLN B 453 12.57 1.23 29.90
CA GLN B 453 13.17 0.68 31.12
C GLN B 453 12.51 1.27 32.39
N PRO B 454 12.20 0.43 33.39
CA PRO B 454 12.39 -1.02 33.44
C PRO B 454 11.34 -1.79 32.63
N MET B 455 11.79 -2.85 31.95
CA MET B 455 10.88 -3.70 31.18
C MET B 455 10.48 -4.95 31.92
N PHE B 456 9.17 -5.19 31.93
CA PHE B 456 8.58 -6.34 32.61
C PHE B 456 7.92 -7.24 31.59
N LEU B 457 7.88 -8.54 31.89
CA LEU B 457 7.20 -9.50 31.02
C LEU B 457 6.28 -10.40 31.82
N LEU B 458 4.99 -10.24 31.61
CA LEU B 458 4.00 -11.17 32.16
C LEU B 458 3.77 -12.28 31.14
N ILE B 459 4.13 -13.49 31.53
CA ILE B 459 4.16 -14.61 30.60
C ILE B 459 3.57 -15.89 31.20
N GLY B 460 2.97 -16.72 30.35
CA GLY B 460 2.54 -18.06 30.73
C GLY B 460 3.72 -19.01 30.63
N ASP B 461 3.58 -20.18 31.27
CA ASP B 461 4.66 -21.17 31.32
C ASP B 461 5.01 -21.80 29.97
N LEU B 462 4.00 -22.00 29.12
CA LEU B 462 4.19 -22.58 27.78
C LEU B 462 4.97 -21.67 26.85
N SER B 463 4.63 -20.38 26.86
CA SER B 463 5.31 -19.36 26.06
C SER B 463 6.76 -19.15 26.48
N PHE B 464 7.03 -19.28 27.78
CA PHE B 464 8.37 -19.12 28.34
C PHE B 464 9.32 -20.21 27.84
N TYR B 465 8.82 -21.45 27.82
CA TYR B 465 9.57 -22.59 27.31
C TYR B 465 9.85 -22.43 25.81
N HIS B 466 8.84 -21.96 25.08
CA HIS B 466 8.87 -21.81 23.62
C HIS B 466 10.05 -20.97 23.15
N ASP B 467 10.25 -19.82 23.81
CA ASP B 467 11.30 -18.88 23.47
C ASP B 467 12.35 -18.81 24.59
N MET B 468 12.74 -19.97 25.11
CA MET B 468 13.73 -20.05 26.19
C MET B 468 15.11 -19.59 25.72
N ASN B 469 15.48 -19.96 24.49
CA ASN B 469 16.77 -19.54 23.89
C ASN B 469 17.00 -18.04 23.77
N GLY B 470 15.91 -17.25 23.74
CA GLY B 470 16.00 -15.79 23.65
C GLY B 470 16.56 -15.10 24.89
N LEU B 471 16.78 -15.87 25.95
CA LEU B 471 17.33 -15.37 27.20
C LEU B 471 18.85 -15.21 27.14
N LEU B 472 19.49 -15.84 26.15
CA LEU B 472 20.92 -15.71 25.92
C LEU B 472 21.30 -14.25 25.61
N MET B 473 20.39 -13.54 24.94
CA MET B 473 20.56 -12.14 24.59
C MET B 473 20.69 -11.24 25.82
N ALA B 474 19.94 -11.58 26.86
CA ALA B 474 20.01 -10.87 28.13
C ALA B 474 21.32 -11.14 28.86
N LYS B 475 21.90 -12.33 28.63
CA LYS B 475 23.16 -12.70 29.29
C LYS B 475 24.36 -11.98 28.69
N LYS B 476 24.48 -11.97 27.36
CA LYS B 476 25.63 -11.34 26.70
C LYS B 476 25.56 -9.82 26.65
N TYR B 477 24.36 -9.26 26.43
CA TYR B 477 24.19 -7.82 26.34
C TYR B 477 23.77 -7.16 27.65
N LYS B 478 23.79 -7.95 28.73
CA LYS B 478 23.46 -7.51 30.09
C LYS B 478 22.18 -6.67 30.16
N MET B 479 21.10 -7.25 29.62
CA MET B 479 19.83 -6.55 29.48
C MET B 479 19.02 -6.65 30.76
N ASN B 480 18.10 -5.71 30.93
CA ASN B 480 17.27 -5.68 32.12
C ASN B 480 15.82 -6.06 31.83
N LEU B 481 15.47 -7.30 32.19
CA LEU B 481 14.11 -7.81 32.03
C LEU B 481 13.69 -8.53 33.31
N THR B 482 12.56 -8.10 33.86
CA THR B 482 11.94 -8.80 34.98
C THR B 482 10.78 -9.64 34.46
N ILE B 483 10.96 -10.96 34.50
CA ILE B 483 9.97 -11.90 33.98
C ILE B 483 9.11 -12.47 35.11
N VAL B 484 7.79 -12.33 34.96
CA VAL B 484 6.84 -12.93 35.89
C VAL B 484 6.13 -14.09 35.18
N ILE B 485 6.52 -15.31 35.52
CA ILE B 485 5.93 -16.51 34.92
C ILE B 485 4.75 -17.00 35.74
N VAL B 486 3.57 -16.95 35.14
CA VAL B 486 2.38 -17.55 35.72
C VAL B 486 2.37 -19.03 35.38
N ASN B 487 2.68 -19.86 36.38
CA ASN B 487 2.69 -21.31 36.21
C ASN B 487 1.46 -21.95 36.83
N ASN B 488 0.64 -22.57 35.97
CA ASN B 488 -0.51 -23.37 36.40
C ASN B 488 -0.34 -24.85 36.03
N ASP B 489 0.43 -25.09 34.97
CA ASP B 489 0.86 -26.43 34.52
C ASP B 489 -0.28 -27.45 34.34
N GLU B 515 5.94 -30.18 34.49
CA GLU B 515 6.92 -31.04 35.13
C GLU B 515 8.29 -30.37 35.28
N LEU B 516 8.45 -29.20 34.67
CA LEU B 516 9.72 -28.49 34.61
C LEU B 516 10.03 -27.66 35.86
N ASP B 517 11.31 -27.57 36.19
CA ASP B 517 11.77 -26.70 37.27
C ASP B 517 12.61 -25.55 36.69
N PHE B 518 12.04 -24.35 36.67
CA PHE B 518 12.66 -23.19 36.00
C PHE B 518 13.83 -22.53 36.75
N ARG B 519 14.20 -23.09 37.90
CA ARG B 519 15.37 -22.65 38.66
C ARG B 519 16.65 -22.98 37.88
N PHE B 520 16.67 -24.15 37.25
CA PHE B 520 17.81 -24.60 36.44
C PHE B 520 17.92 -23.79 35.16
N ALA B 521 16.78 -23.37 34.63
CA ALA B 521 16.73 -22.48 33.47
C ALA B 521 17.32 -21.11 33.80
N ALA B 522 16.98 -20.60 34.98
CA ALA B 522 17.48 -19.32 35.46
C ALA B 522 18.98 -19.36 35.73
N ALA B 523 19.46 -20.50 36.23
CA ALA B 523 20.87 -20.73 36.50
C ALA B 523 21.68 -20.79 35.20
N PHE B 524 21.04 -21.32 34.16
CA PHE B 524 21.66 -21.49 32.84
C PHE B 524 21.96 -20.16 32.15
N TYR B 525 21.08 -19.18 32.35
CA TYR B 525 21.23 -17.86 31.71
C TYR B 525 21.67 -16.76 32.69
N ASP B 526 22.30 -17.16 33.80
CA ASP B 526 22.78 -16.24 34.86
C ASP B 526 21.72 -15.25 35.36
N ALA B 527 20.54 -15.78 35.67
CA ALA B 527 19.43 -14.98 36.15
C ALA B 527 19.19 -15.17 37.64
N ASP B 528 18.60 -14.17 38.27
CA ASP B 528 18.17 -14.27 39.66
C ASP B 528 16.80 -14.93 39.70
N TYR B 529 16.74 -16.10 40.33
CA TYR B 529 15.48 -16.83 40.47
C TYR B 529 14.77 -16.45 41.76
N HIS B 530 13.47 -16.17 41.64
CA HIS B 530 12.60 -15.92 42.78
C HIS B 530 11.36 -16.79 42.64
N GLU B 531 10.93 -17.39 43.75
CA GLU B 531 9.68 -18.13 43.76
C GLU B 531 8.69 -17.45 44.69
N ALA B 532 7.55 -17.06 44.14
CA ALA B 532 6.51 -16.38 44.91
C ALA B 532 5.32 -17.31 45.17
N LYS B 533 4.97 -17.45 46.44
CA LYS B 533 3.81 -18.25 46.85
C LYS B 533 2.76 -17.38 47.54
N SER B 534 3.15 -16.16 47.87
CA SER B 534 2.26 -15.20 48.53
C SER B 534 2.45 -13.78 47.99
N VAL B 535 1.51 -12.90 48.35
CA VAL B 535 1.52 -11.49 47.97
C VAL B 535 2.80 -10.78 48.45
N ASP B 536 3.21 -11.06 49.69
CA ASP B 536 4.41 -10.47 50.29
C ASP B 536 5.70 -10.90 49.62
N GLU B 537 5.75 -12.18 49.22
CA GLU B 537 6.91 -12.74 48.52
C GLU B 537 7.09 -12.16 47.12
N LEU B 538 5.96 -11.79 46.50
CA LEU B 538 5.95 -11.13 45.19
C LEU B 538 6.51 -9.71 45.30
N GLU B 539 6.11 -8.99 46.35
CA GLU B 539 6.60 -7.64 46.63
C GLU B 539 8.11 -7.58 46.79
N GLU B 540 8.65 -8.55 47.55
CA GLU B 540 10.09 -8.68 47.78
C GLU B 540 10.82 -8.93 46.47
N ALA B 541 10.29 -9.86 45.67
CA ALA B 541 10.84 -10.22 44.38
C ALA B 541 10.86 -9.05 43.38
N ILE B 542 9.77 -8.29 43.37
CA ILE B 542 9.65 -7.09 42.52
C ILE B 542 10.66 -6.01 42.94
N ASP B 543 10.75 -5.77 44.24
CA ASP B 543 11.65 -4.76 44.79
C ASP B 543 13.13 -5.10 44.57
N LYS B 544 13.47 -6.38 44.71
CA LYS B 544 14.81 -6.88 44.42
C LYS B 544 15.17 -6.71 42.95
N ALA B 545 14.19 -6.93 42.08
CA ALA B 545 14.36 -6.89 40.63
C ALA B 545 14.73 -5.50 40.12
N SER B 546 13.97 -4.49 40.57
CA SER B 546 14.20 -3.10 40.18
C SER B 546 15.48 -2.53 40.81
N TYR B 547 16.00 -3.23 41.80
CA TYR B 547 17.21 -2.83 42.50
C TYR B 547 18.49 -3.26 41.80
N HIS B 548 18.37 -4.10 40.76
CA HIS B 548 19.54 -4.52 39.99
C HIS B 548 19.29 -4.59 38.48
N LYS B 549 20.31 -4.22 37.71
CA LYS B 549 20.26 -4.27 36.26
C LYS B 549 20.69 -5.65 35.76
N GLY B 550 19.71 -6.44 35.36
CA GLY B 550 19.95 -7.80 34.89
C GLY B 550 18.67 -8.62 34.75
N LEU B 551 18.84 -9.94 34.64
CA LEU B 551 17.72 -10.83 34.39
C LEU B 551 17.08 -11.35 35.67
N ASP B 552 15.80 -11.05 35.85
CA ASP B 552 15.03 -11.54 37.00
C ASP B 552 13.88 -12.40 36.53
N ILE B 553 13.79 -13.61 37.10
CA ILE B 553 12.70 -14.54 36.79
C ILE B 553 11.91 -14.84 38.07
N ILE B 554 10.63 -14.49 38.06
CA ILE B 554 9.73 -14.69 39.20
C ILE B 554 8.64 -15.72 38.87
N GLU B 555 8.77 -16.92 39.42
CA GLU B 555 7.83 -18.01 39.15
C GLU B 555 6.77 -18.12 40.25
N VAL B 556 5.52 -17.94 39.88
CA VAL B 556 4.40 -18.14 40.81
C VAL B 556 3.63 -19.43 40.48
N LYS B 557 3.60 -20.35 41.44
CA LYS B 557 2.84 -21.59 41.31
C LYS B 557 1.76 -21.66 42.40
#